data_5A7U
# 
_entry.id   5A7U 
# 
_audit_conform.dict_name       mmcif_pdbx.dic 
_audit_conform.dict_version    5.391 
_audit_conform.dict_location   http://mmcif.pdb.org/dictionaries/ascii/mmcif_pdbx.dic 
# 
loop_
_database_2.database_id 
_database_2.database_code 
_database_2.pdbx_database_accession 
_database_2.pdbx_DOI 
PDB   5A7U         pdb_00005a7u 10.2210/pdb5a7u/pdb 
PDBE  EBI-64333    ?            ?                   
WWPDB D_1290064333 ?            ?                   
# 
loop_
_pdbx_audit_revision_history.ordinal 
_pdbx_audit_revision_history.data_content_type 
_pdbx_audit_revision_history.major_revision 
_pdbx_audit_revision_history.minor_revision 
_pdbx_audit_revision_history.revision_date 
1 'Structure model' 1 0 2015-09-16 
2 'Structure model' 1 1 2015-09-23 
3 'Structure model' 1 2 2017-08-23 
4 'Structure model' 1 3 2024-05-08 
# 
_pdbx_audit_revision_details.ordinal             1 
_pdbx_audit_revision_details.revision_ordinal    1 
_pdbx_audit_revision_details.data_content_type   'Structure model' 
_pdbx_audit_revision_details.provider            repository 
_pdbx_audit_revision_details.type                'Initial release' 
_pdbx_audit_revision_details.description         ? 
_pdbx_audit_revision_details.details             ? 
# 
loop_
_pdbx_audit_revision_group.ordinal 
_pdbx_audit_revision_group.revision_ordinal 
_pdbx_audit_revision_group.data_content_type 
_pdbx_audit_revision_group.group 
1 2 'Structure model' 'Database references'    
2 3 'Structure model' 'Data collection'        
3 4 'Structure model' 'Data collection'        
4 4 'Structure model' 'Database references'    
5 4 'Structure model' 'Derived calculations'   
6 4 'Structure model' 'Refinement description' 
# 
loop_
_pdbx_audit_revision_category.ordinal 
_pdbx_audit_revision_category.revision_ordinal 
_pdbx_audit_revision_category.data_content_type 
_pdbx_audit_revision_category.category 
1 3 'Structure model' em_software                   
2 4 'Structure model' chem_comp_atom                
3 4 'Structure model' chem_comp_bond                
4 4 'Structure model' database_2                    
5 4 'Structure model' em_3d_fitting_list            
6 4 'Structure model' pdbx_initial_refinement_model 
7 4 'Structure model' pdbx_struct_conn_angle        
8 4 'Structure model' struct_conn                   
9 4 'Structure model' struct_site                   
# 
loop_
_pdbx_audit_revision_item.ordinal 
_pdbx_audit_revision_item.revision_ordinal 
_pdbx_audit_revision_item.data_content_type 
_pdbx_audit_revision_item.item 
1  3 'Structure model' '_em_software.fitting_id'                         
2  3 'Structure model' '_em_software.image_processing_id'                
3  4 'Structure model' '_database_2.pdbx_DOI'                            
4  4 'Structure model' '_database_2.pdbx_database_accession'             
5  4 'Structure model' '_em_3d_fitting_list.accession_code'              
6  4 'Structure model' '_em_3d_fitting_list.initial_refinement_model_id' 
7  4 'Structure model' '_em_3d_fitting_list.source_name'                 
8  4 'Structure model' '_em_3d_fitting_list.type'                        
9  4 'Structure model' '_pdbx_struct_conn_angle.ptnr1_auth_seq_id'       
10 4 'Structure model' '_pdbx_struct_conn_angle.ptnr1_label_seq_id'      
11 4 'Structure model' '_pdbx_struct_conn_angle.ptnr3_auth_seq_id'       
12 4 'Structure model' '_pdbx_struct_conn_angle.ptnr3_label_seq_id'      
13 4 'Structure model' '_struct_conn.pdbx_dist_value'                    
14 4 'Structure model' '_struct_conn.ptnr1_auth_comp_id'                 
15 4 'Structure model' '_struct_conn.ptnr1_auth_seq_id'                  
16 4 'Structure model' '_struct_conn.ptnr1_label_asym_id'                
17 4 'Structure model' '_struct_conn.ptnr1_label_atom_id'                
18 4 'Structure model' '_struct_conn.ptnr1_label_comp_id'                
19 4 'Structure model' '_struct_conn.ptnr1_label_seq_id'                 
20 4 'Structure model' '_struct_conn.ptnr2_auth_comp_id'                 
21 4 'Structure model' '_struct_conn.ptnr2_auth_seq_id'                  
22 4 'Structure model' '_struct_conn.ptnr2_label_asym_id'                
23 4 'Structure model' '_struct_conn.ptnr2_label_atom_id'                
24 4 'Structure model' '_struct_conn.ptnr2_label_comp_id'                
25 4 'Structure model' '_struct_conn.ptnr2_label_seq_id'                 
26 4 'Structure model' '_struct_site.pdbx_auth_asym_id'                  
27 4 'Structure model' '_struct_site.pdbx_auth_comp_id'                  
28 4 'Structure model' '_struct_site.pdbx_auth_seq_id'                   
# 
_pdbx_database_status.status_code                     REL 
_pdbx_database_status.entry_id                        5A7U 
_pdbx_database_status.deposit_site                    PDBE 
_pdbx_database_status.process_site                    PDBE 
_pdbx_database_status.SG_entry                        . 
_pdbx_database_status.recvd_initial_deposition_date   2015-07-10 
_pdbx_database_status.pdb_format_compatible           Y 
_pdbx_database_status.status_code_sf                  ? 
_pdbx_database_status.status_code_mr                  ? 
_pdbx_database_status.status_code_cs                  ? 
_pdbx_database_status.methods_development_category    ? 
_pdbx_database_status.status_code_nmr_data            ? 
# 
_pdbx_database_related.db_name        EMDB 
_pdbx_database_related.db_id          EMD-3079 
_pdbx_database_related.content_type   'associated EM volume' 
_pdbx_database_related.details        . 
# 
loop_
_audit_author.name 
_audit_author.pdbx_ordinal 
'Nilsson, O.B.'    1  
'Hedman, R.'       2  
'Marino, J.'       3  
'Wickles, S.'      4  
'Bischoff, L.'     5  
'Johansson, M.'    6  
'Muller-Lucks, A.' 7  
'Trovato, F.'      8  
'Puglisi, J.D.'    9  
;O'Brien, E.
;
10 
'Beckmann, R.'     11 
'von Heijne, G.'   12 
# 
_citation.id                        primary 
_citation.title                     'Cotranslational Protein Folding Inside the Ribosome Exit Tunnel.' 
_citation.journal_abbrev            'Cell Rep.' 
_citation.journal_volume            12 
_citation.page_first                1533 
_citation.page_last                 ? 
_citation.year                      2015 
_citation.journal_id_ASTM           ? 
_citation.country                   US 
_citation.journal_id_ISSN           2211-1247 
_citation.journal_id_CSD            ? 
_citation.book_publisher            ? 
_citation.pdbx_database_id_PubMed   26321634 
_citation.pdbx_database_id_DOI      10.1016/J.CELREP.2015.07.065 
# 
loop_
_citation_author.citation_id 
_citation_author.name 
_citation_author.ordinal 
_citation_author.identifier_ORCID 
primary 'Nilsson, O.B.'    1  ? 
primary 'Hedman, R.'       2  ? 
primary 'Marino, J.'       3  ? 
primary 'Wickles, S.'      4  ? 
primary 'Bischoff, L.'     5  ? 
primary 'Johansson, M.'    6  ? 
primary 'Muller-Lucks, A.' 7  ? 
primary 'Trovato, F.'      8  ? 
primary 'Puglisi, J.D.'    9  ? 
primary 
;O'Brien, E.P.
;
10 ? 
primary 'Beckmann, R.'     11 ? 
primary 'Von Heijne, G.'   12 ? 
# 
loop_
_entity.id 
_entity.type 
_entity.src_method 
_entity.pdbx_description 
_entity.formula_weight 
_entity.pdbx_number_of_molecules 
_entity.pdbx_ec 
_entity.pdbx_mutation 
_entity.pdbx_fragment 
_entity.details 
1 polymer     man 'REGULATORY PROTEIN ADR1' 3406.024 1 ? ? 'RESIDUES 130-158' ? 
2 non-polymer syn 'ZINC ION'                65.409   1 ? ? ?                  ? 
# 
_entity_name_com.entity_id   1 
_entity_name_com.name        ADR1 
# 
_entity_poly.entity_id                      1 
_entity_poly.type                           'polypeptide(L)' 
_entity_poly.nstd_linkage                   no 
_entity_poly.nstd_monomer                   no 
_entity_poly.pdbx_seq_one_letter_code       KPYPCGLCNRCFTRRDLLIRHAQKIHSGN 
_entity_poly.pdbx_seq_one_letter_code_can   KPYPCGLCNRCFTRRDLLIRHAQKIHSGN 
_entity_poly.pdbx_strand_id                 A 
_entity_poly.pdbx_target_identifier         ? 
# 
_pdbx_entity_nonpoly.entity_id   2 
_pdbx_entity_nonpoly.name        'ZINC ION' 
_pdbx_entity_nonpoly.comp_id     ZN 
# 
loop_
_entity_poly_seq.entity_id 
_entity_poly_seq.num 
_entity_poly_seq.mon_id 
_entity_poly_seq.hetero 
1 1  LYS n 
1 2  PRO n 
1 3  TYR n 
1 4  PRO n 
1 5  CYS n 
1 6  GLY n 
1 7  LEU n 
1 8  CYS n 
1 9  ASN n 
1 10 ARG n 
1 11 CYS n 
1 12 PHE n 
1 13 THR n 
1 14 ARG n 
1 15 ARG n 
1 16 ASP n 
1 17 LEU n 
1 18 LEU n 
1 19 ILE n 
1 20 ARG n 
1 21 HIS n 
1 22 ALA n 
1 23 GLN n 
1 24 LYS n 
1 25 ILE n 
1 26 HIS n 
1 27 SER n 
1 28 GLY n 
1 29 ASN n 
# 
_entity_src_gen.entity_id                          1 
_entity_src_gen.pdbx_src_id                        1 
_entity_src_gen.pdbx_alt_source_flag               sample 
_entity_src_gen.pdbx_seq_type                      ? 
_entity_src_gen.pdbx_beg_seq_num                   ? 
_entity_src_gen.pdbx_end_seq_num                   ? 
_entity_src_gen.gene_src_common_name               
;BAKER'S YEAST
;
_entity_src_gen.gene_src_genus                     ? 
_entity_src_gen.pdbx_gene_src_gene                 ? 
_entity_src_gen.gene_src_species                   ? 
_entity_src_gen.gene_src_strain                    ? 
_entity_src_gen.gene_src_tissue                    ? 
_entity_src_gen.gene_src_tissue_fraction           ? 
_entity_src_gen.gene_src_details                   ? 
_entity_src_gen.pdbx_gene_src_fragment             ? 
_entity_src_gen.pdbx_gene_src_scientific_name      'SACCHAROMYCES CEREVISIAE' 
_entity_src_gen.pdbx_gene_src_ncbi_taxonomy_id     4932 
_entity_src_gen.pdbx_gene_src_variant              ? 
_entity_src_gen.pdbx_gene_src_cell_line            ? 
_entity_src_gen.pdbx_gene_src_atcc                 ? 
_entity_src_gen.pdbx_gene_src_organ                ? 
_entity_src_gen.pdbx_gene_src_organelle            ? 
_entity_src_gen.pdbx_gene_src_cell                 ? 
_entity_src_gen.pdbx_gene_src_cellular_location    ? 
_entity_src_gen.host_org_common_name               ? 
_entity_src_gen.pdbx_host_org_scientific_name      'ESCHERICHIA COLI' 
_entity_src_gen.pdbx_host_org_ncbi_taxonomy_id     562 
_entity_src_gen.host_org_genus                     ? 
_entity_src_gen.pdbx_host_org_gene                 ? 
_entity_src_gen.pdbx_host_org_organ                ? 
_entity_src_gen.host_org_species                   ? 
_entity_src_gen.pdbx_host_org_tissue               ? 
_entity_src_gen.pdbx_host_org_tissue_fraction      ? 
_entity_src_gen.pdbx_host_org_strain               ? 
_entity_src_gen.pdbx_host_org_variant              ? 
_entity_src_gen.pdbx_host_org_cell_line            ? 
_entity_src_gen.pdbx_host_org_atcc                 ? 
_entity_src_gen.pdbx_host_org_culture_collection   ? 
_entity_src_gen.pdbx_host_org_cell                 ? 
_entity_src_gen.pdbx_host_org_organelle            ? 
_entity_src_gen.pdbx_host_org_cellular_location    ? 
_entity_src_gen.pdbx_host_org_vector_type          ? 
_entity_src_gen.pdbx_host_org_vector               ? 
_entity_src_gen.host_org_details                   ? 
_entity_src_gen.expression_system_id               ? 
_entity_src_gen.plasmid_name                       ? 
_entity_src_gen.plasmid_details                    ? 
_entity_src_gen.pdbx_description                   ? 
# 
loop_
_chem_comp.id 
_chem_comp.type 
_chem_comp.mon_nstd_flag 
_chem_comp.name 
_chem_comp.pdbx_synonyms 
_chem_comp.formula 
_chem_comp.formula_weight 
ALA 'L-peptide linking' y ALANINE         ? 'C3 H7 N O2'     89.093  
ARG 'L-peptide linking' y ARGININE        ? 'C6 H15 N4 O2 1' 175.209 
ASN 'L-peptide linking' y ASPARAGINE      ? 'C4 H8 N2 O3'    132.118 
ASP 'L-peptide linking' y 'ASPARTIC ACID' ? 'C4 H7 N O4'     133.103 
CYS 'L-peptide linking' y CYSTEINE        ? 'C3 H7 N O2 S'   121.158 
GLN 'L-peptide linking' y GLUTAMINE       ? 'C5 H10 N2 O3'   146.144 
GLY 'peptide linking'   y GLYCINE         ? 'C2 H5 N O2'     75.067  
HIS 'L-peptide linking' y HISTIDINE       ? 'C6 H10 N3 O2 1' 156.162 
ILE 'L-peptide linking' y ISOLEUCINE      ? 'C6 H13 N O2'    131.173 
LEU 'L-peptide linking' y LEUCINE         ? 'C6 H13 N O2'    131.173 
LYS 'L-peptide linking' y LYSINE          ? 'C6 H15 N2 O2 1' 147.195 
PHE 'L-peptide linking' y PHENYLALANINE   ? 'C9 H11 N O2'    165.189 
PRO 'L-peptide linking' y PROLINE         ? 'C5 H9 N O2'     115.130 
SER 'L-peptide linking' y SERINE          ? 'C3 H7 N O3'     105.093 
THR 'L-peptide linking' y THREONINE       ? 'C4 H9 N O3'     119.119 
TYR 'L-peptide linking' y TYROSINE        ? 'C9 H11 N O3'    181.189 
ZN  non-polymer         . 'ZINC ION'      ? 'Zn 2'           65.409  
# 
loop_
_pdbx_poly_seq_scheme.asym_id 
_pdbx_poly_seq_scheme.entity_id 
_pdbx_poly_seq_scheme.seq_id 
_pdbx_poly_seq_scheme.mon_id 
_pdbx_poly_seq_scheme.ndb_seq_num 
_pdbx_poly_seq_scheme.pdb_seq_num 
_pdbx_poly_seq_scheme.auth_seq_num 
_pdbx_poly_seq_scheme.pdb_mon_id 
_pdbx_poly_seq_scheme.auth_mon_id 
_pdbx_poly_seq_scheme.pdb_strand_id 
_pdbx_poly_seq_scheme.pdb_ins_code 
_pdbx_poly_seq_scheme.hetero 
A 1 1  LYS 1  1  1  LYS LYS A . n 
A 1 2  PRO 2  2  2  PRO PRO A . n 
A 1 3  TYR 3  3  3  TYR TYR A . n 
A 1 4  PRO 4  4  4  PRO PRO A . n 
A 1 5  CYS 5  5  5  CYS CYS A . n 
A 1 6  GLY 6  6  6  GLY GLY A . n 
A 1 7  LEU 7  7  7  LEU LEU A . n 
A 1 8  CYS 8  8  8  CYS CYS A . n 
A 1 9  ASN 9  9  9  ASN ASN A . n 
A 1 10 ARG 10 10 10 ARG ARG A . n 
A 1 11 CYS 11 11 11 CYS CYS A . n 
A 1 12 PHE 12 12 12 PHE PHE A . n 
A 1 13 THR 13 13 13 THR THR A . n 
A 1 14 ARG 14 14 14 ARG ARG A . n 
A 1 15 ARG 15 15 15 ARG ARG A . n 
A 1 16 ASP 16 16 16 ASP ASP A . n 
A 1 17 LEU 17 17 17 LEU LEU A . n 
A 1 18 LEU 18 18 18 LEU LEU A . n 
A 1 19 ILE 19 19 19 ILE ILE A . n 
A 1 20 ARG 20 20 20 ARG ARG A . n 
A 1 21 HIS 21 21 21 HIS HIS A . n 
A 1 22 ALA 22 22 22 ALA ALA A . n 
A 1 23 GLN 23 23 23 GLN GLN A . n 
A 1 24 LYS 24 24 24 LYS LYS A . n 
A 1 25 ILE 25 25 25 ILE ILE A . n 
A 1 26 HIS 26 26 26 HIS HIS A . n 
A 1 27 SER 27 27 27 SER SER A . n 
A 1 28 GLY 28 28 ?  ?   ?   A . n 
A 1 29 ASN 29 29 ?  ?   ?   A . n 
# 
_pdbx_nonpoly_scheme.asym_id         B 
_pdbx_nonpoly_scheme.entity_id       2 
_pdbx_nonpoly_scheme.mon_id          ZN 
_pdbx_nonpoly_scheme.ndb_seq_num     1 
_pdbx_nonpoly_scheme.pdb_seq_num     162 
_pdbx_nonpoly_scheme.auth_seq_num    162 
_pdbx_nonpoly_scheme.pdb_mon_id      ZN 
_pdbx_nonpoly_scheme.auth_mon_id     ZN 
_pdbx_nonpoly_scheme.pdb_strand_id   A 
_pdbx_nonpoly_scheme.pdb_ins_code    . 
# 
_pdbx_unobs_or_zero_occ_atoms.id               1 
_pdbx_unobs_or_zero_occ_atoms.PDB_model_num    1 
_pdbx_unobs_or_zero_occ_atoms.polymer_flag     Y 
_pdbx_unobs_or_zero_occ_atoms.occupancy_flag   1 
_pdbx_unobs_or_zero_occ_atoms.auth_asym_id     A 
_pdbx_unobs_or_zero_occ_atoms.auth_comp_id     CYS 
_pdbx_unobs_or_zero_occ_atoms.auth_seq_id      11 
_pdbx_unobs_or_zero_occ_atoms.PDB_ins_code     ? 
_pdbx_unobs_or_zero_occ_atoms.auth_atom_id     SG 
_pdbx_unobs_or_zero_occ_atoms.label_alt_id     ? 
_pdbx_unobs_or_zero_occ_atoms.label_asym_id    A 
_pdbx_unobs_or_zero_occ_atoms.label_comp_id    CYS 
_pdbx_unobs_or_zero_occ_atoms.label_seq_id     11 
_pdbx_unobs_or_zero_occ_atoms.label_atom_id    SG 
# 
_cell.entry_id           5A7U 
_cell.length_a           1.000 
_cell.length_b           1.000 
_cell.length_c           1.000 
_cell.angle_alpha        90.00 
_cell.angle_beta         90.00 
_cell.angle_gamma        90.00 
_cell.Z_PDB              1 
_cell.pdbx_unique_axis   ? 
# 
_symmetry.entry_id                         5A7U 
_symmetry.space_group_name_H-M             'P 1' 
_symmetry.pdbx_full_space_group_name_H-M   ? 
_symmetry.cell_setting                     ? 
_symmetry.Int_Tables_number                1 
# 
_exptl.entry_id          5A7U 
_exptl.method            'ELECTRON MICROSCOPY' 
_exptl.crystals_number   ? 
# 
_exptl_crystal.id                    1 
_exptl_crystal.density_meas          ? 
_exptl_crystal.density_Matthews      ? 
_exptl_crystal.density_percent_sol   ? 
_exptl_crystal.description           ? 
# 
_diffrn.id                     1 
_diffrn.ambient_temp           ? 
_diffrn.ambient_temp_details   ? 
_diffrn.crystal_id             1 
# 
_diffrn_radiation.diffrn_id                        1 
_diffrn_radiation.wavelength_id                    1 
_diffrn_radiation.pdbx_monochromatic_or_laue_m_l   ? 
_diffrn_radiation.monochromator                    ? 
_diffrn_radiation.pdbx_diffrn_protocol             ? 
_diffrn_radiation.pdbx_scattering_type             ? 
# 
_diffrn_radiation_wavelength.id           1 
_diffrn_radiation_wavelength.wavelength   . 
_diffrn_radiation_wavelength.wt           1.0 
# 
_refine.pdbx_refine_id                           'ELECTRON MICROSCOPY' 
_refine.entry_id                                 5A7U 
_refine.pdbx_diffrn_id                           1 
_refine.pdbx_TLS_residual_ADP_flag               ? 
_refine.ls_number_reflns_obs                     ? 
_refine.ls_number_reflns_all                     ? 
_refine.pdbx_ls_sigma_I                          ? 
_refine.pdbx_ls_sigma_F                          ? 
_refine.pdbx_data_cutoff_high_absF               ? 
_refine.pdbx_data_cutoff_low_absF                ? 
_refine.pdbx_data_cutoff_high_rms_absF           ? 
_refine.ls_d_res_low                             ? 
_refine.ls_d_res_high                            4.80 
_refine.ls_percent_reflns_obs                    ? 
_refine.ls_R_factor_obs                          ? 
_refine.ls_R_factor_all                          ? 
_refine.ls_R_factor_R_work                       ? 
_refine.ls_R_factor_R_free                       ? 
_refine.ls_R_factor_R_free_error                 ? 
_refine.ls_R_factor_R_free_error_details         ? 
_refine.ls_percent_reflns_R_free                 ? 
_refine.ls_number_reflns_R_free                  ? 
_refine.ls_number_parameters                     ? 
_refine.ls_number_restraints                     ? 
_refine.occupancy_min                            ? 
_refine.occupancy_max                            ? 
_refine.correlation_coeff_Fo_to_Fc               ? 
_refine.correlation_coeff_Fo_to_Fc_free          ? 
_refine.B_iso_mean                               ? 
_refine.aniso_B[1][1]                            ? 
_refine.aniso_B[2][2]                            ? 
_refine.aniso_B[3][3]                            ? 
_refine.aniso_B[1][2]                            ? 
_refine.aniso_B[1][3]                            ? 
_refine.aniso_B[2][3]                            ? 
_refine.solvent_model_details                    ? 
_refine.solvent_model_param_ksol                 ? 
_refine.solvent_model_param_bsol                 ? 
_refine.pdbx_solvent_vdw_probe_radii             ? 
_refine.pdbx_solvent_ion_probe_radii             ? 
_refine.pdbx_solvent_shrinkage_radii             ? 
_refine.pdbx_ls_cross_valid_method               ? 
_refine.details                                  ? 
_refine.pdbx_starting_model                      ? 
_refine.pdbx_method_to_determine_struct          ? 
_refine.pdbx_isotropic_thermal_model             ? 
_refine.pdbx_stereochemistry_target_values       ? 
_refine.pdbx_stereochem_target_val_spec_case     ? 
_refine.pdbx_R_Free_selection_details            ? 
_refine.pdbx_overall_ESU_R                       ? 
_refine.pdbx_overall_ESU_R_Free                  ? 
_refine.overall_SU_ML                            ? 
_refine.pdbx_overall_phase_error                 ? 
_refine.overall_SU_B                             ? 
_refine.overall_SU_R_Cruickshank_DPI             ? 
_refine.pdbx_overall_SU_R_free_Cruickshank_DPI   ? 
_refine.pdbx_overall_SU_R_Blow_DPI               ? 
_refine.pdbx_overall_SU_R_free_Blow_DPI          ? 
# 
_refine_hist.pdbx_refine_id                   'ELECTRON MICROSCOPY' 
_refine_hist.cycle_id                         LAST 
_refine_hist.pdbx_number_atoms_protein        223 
_refine_hist.pdbx_number_atoms_nucleic_acid   0 
_refine_hist.pdbx_number_atoms_ligand         1 
_refine_hist.number_atoms_solvent             0 
_refine_hist.number_atoms_total               224 
_refine_hist.d_res_high                       4.80 
_refine_hist.d_res_low                        . 
# 
_struct.entry_id                  5A7U 
_struct.title                     
'Single-particle cryo-EM of co-translational folded adr1 domain inside the E. coli ribosome exit tunnel.' 
_struct.pdbx_model_details        ? 
_struct.pdbx_CASP_flag            ? 
_struct.pdbx_model_type_details   ? 
# 
_struct_keywords.entry_id        5A7U 
_struct_keywords.pdbx_keywords   TRANSLATION 
_struct_keywords.text            
'PROTEIN FOLDING, TRANSLATION, RIBOSOME, ZINC FINGER, SECM, TRANSLATIONAL ARREST PEPTIDE, CRYO-EM, SINGLE- MOLECULE STUDIES' 
# 
loop_
_struct_asym.id 
_struct_asym.pdbx_blank_PDB_chainid_flag 
_struct_asym.pdbx_modified 
_struct_asym.entity_id 
_struct_asym.details 
A N N 1 ? 
B N N 2 ? 
# 
_struct_ref.id                         1 
_struct_ref.db_name                    UNP 
_struct_ref.db_code                    ADR1_YEAST 
_struct_ref.entity_id                  1 
_struct_ref.pdbx_seq_one_letter_code   ? 
_struct_ref.pdbx_align_begin           ? 
_struct_ref.pdbx_db_accession          P07248 
_struct_ref.pdbx_db_isoform            ? 
# 
_struct_ref_seq.align_id                      1 
_struct_ref_seq.ref_id                        1 
_struct_ref_seq.pdbx_PDB_id_code              5A7U 
_struct_ref_seq.pdbx_strand_id                A 
_struct_ref_seq.seq_align_beg                 1 
_struct_ref_seq.pdbx_seq_align_beg_ins_code   ? 
_struct_ref_seq.seq_align_end                 29 
_struct_ref_seq.pdbx_seq_align_end_ins_code   ? 
_struct_ref_seq.pdbx_db_accession             P07248 
_struct_ref_seq.db_align_beg                  130 
_struct_ref_seq.pdbx_db_align_beg_ins_code    ? 
_struct_ref_seq.db_align_end                  158 
_struct_ref_seq.pdbx_db_align_end_ins_code    ? 
_struct_ref_seq.pdbx_auth_seq_align_beg       1 
_struct_ref_seq.pdbx_auth_seq_align_end       29 
# 
_pdbx_struct_assembly.id                   1 
_pdbx_struct_assembly.details              author_and_software_defined_assembly 
_pdbx_struct_assembly.method_details       PISA 
_pdbx_struct_assembly.oligomeric_details   monomeric 
_pdbx_struct_assembly.oligomeric_count     1 
# 
_pdbx_struct_assembly_gen.assembly_id       1 
_pdbx_struct_assembly_gen.oper_expression   1 
_pdbx_struct_assembly_gen.asym_id_list      A,B 
# 
_pdbx_struct_oper_list.id                   1 
_pdbx_struct_oper_list.type                 'identity operation' 
_pdbx_struct_oper_list.name                 1_555 
_pdbx_struct_oper_list.symmetry_operation   x,y,z 
_pdbx_struct_oper_list.matrix[1][1]         1.0000000000 
_pdbx_struct_oper_list.matrix[1][2]         0.0000000000 
_pdbx_struct_oper_list.matrix[1][3]         0.0000000000 
_pdbx_struct_oper_list.vector[1]            0.0000000000 
_pdbx_struct_oper_list.matrix[2][1]         0.0000000000 
_pdbx_struct_oper_list.matrix[2][2]         1.0000000000 
_pdbx_struct_oper_list.matrix[2][3]         0.0000000000 
_pdbx_struct_oper_list.vector[2]            0.0000000000 
_pdbx_struct_oper_list.matrix[3][1]         0.0000000000 
_pdbx_struct_oper_list.matrix[3][2]         0.0000000000 
_pdbx_struct_oper_list.matrix[3][3]         1.0000000000 
_pdbx_struct_oper_list.vector[3]            0.0000000000 
# 
_struct_biol.id   1 
# 
_struct_conf.conf_type_id            HELX_P 
_struct_conf.id                      HELX_P1 
_struct_conf.pdbx_PDB_helix_id       1 
_struct_conf.beg_label_comp_id       ARG 
_struct_conf.beg_label_asym_id       A 
_struct_conf.beg_label_seq_id        14 
_struct_conf.pdbx_beg_PDB_ins_code   ? 
_struct_conf.end_label_comp_id       GLN 
_struct_conf.end_label_asym_id       A 
_struct_conf.end_label_seq_id        23 
_struct_conf.pdbx_end_PDB_ins_code   ? 
_struct_conf.beg_auth_comp_id        ARG 
_struct_conf.beg_auth_asym_id        A 
_struct_conf.beg_auth_seq_id         14 
_struct_conf.end_auth_comp_id        GLN 
_struct_conf.end_auth_asym_id        A 
_struct_conf.end_auth_seq_id         23 
_struct_conf.pdbx_PDB_helix_class    1 
_struct_conf.details                 ? 
_struct_conf.pdbx_PDB_helix_length   10 
# 
_struct_conf_type.id          HELX_P 
_struct_conf_type.criteria    ? 
_struct_conf_type.reference   ? 
# 
loop_
_struct_conn.id 
_struct_conn.conn_type_id 
_struct_conn.pdbx_leaving_atom_flag 
_struct_conn.pdbx_PDB_id 
_struct_conn.ptnr1_label_asym_id 
_struct_conn.ptnr1_label_comp_id 
_struct_conn.ptnr1_label_seq_id 
_struct_conn.ptnr1_label_atom_id 
_struct_conn.pdbx_ptnr1_label_alt_id 
_struct_conn.pdbx_ptnr1_PDB_ins_code 
_struct_conn.pdbx_ptnr1_standard_comp_id 
_struct_conn.ptnr1_symmetry 
_struct_conn.ptnr2_label_asym_id 
_struct_conn.ptnr2_label_comp_id 
_struct_conn.ptnr2_label_seq_id 
_struct_conn.ptnr2_label_atom_id 
_struct_conn.pdbx_ptnr2_label_alt_id 
_struct_conn.pdbx_ptnr2_PDB_ins_code 
_struct_conn.ptnr1_auth_asym_id 
_struct_conn.ptnr1_auth_comp_id 
_struct_conn.ptnr1_auth_seq_id 
_struct_conn.ptnr2_auth_asym_id 
_struct_conn.ptnr2_auth_comp_id 
_struct_conn.ptnr2_auth_seq_id 
_struct_conn.ptnr2_symmetry 
_struct_conn.pdbx_ptnr3_label_atom_id 
_struct_conn.pdbx_ptnr3_label_seq_id 
_struct_conn.pdbx_ptnr3_label_comp_id 
_struct_conn.pdbx_ptnr3_label_asym_id 
_struct_conn.pdbx_ptnr3_label_alt_id 
_struct_conn.pdbx_ptnr3_PDB_ins_code 
_struct_conn.details 
_struct_conn.pdbx_dist_value 
_struct_conn.pdbx_value_order 
_struct_conn.pdbx_role 
metalc1 metalc ? ? A HIS 21 NE2 ? ? ? 1_555 B ZN . ZN ? ? A HIS 21 A ZN 162 1_555 ? ? ? ? ? ? ? 1.891 ? ? 
metalc2 metalc ? ? A HIS 26 NE2 ? ? ? 1_555 B ZN . ZN ? ? A HIS 26 A ZN 162 1_555 ? ? ? ? ? ? ? 1.858 ? ? 
# 
_struct_conn_type.id          metalc 
_struct_conn_type.criteria    ? 
_struct_conn_type.reference   ? 
# 
_pdbx_struct_conn_angle.id                    1 
_pdbx_struct_conn_angle.ptnr1_label_atom_id   NE2 
_pdbx_struct_conn_angle.ptnr1_label_alt_id    ? 
_pdbx_struct_conn_angle.ptnr1_label_asym_id   A 
_pdbx_struct_conn_angle.ptnr1_label_comp_id   HIS 
_pdbx_struct_conn_angle.ptnr1_label_seq_id    21 
_pdbx_struct_conn_angle.ptnr1_auth_atom_id    ? 
_pdbx_struct_conn_angle.ptnr1_auth_asym_id    A 
_pdbx_struct_conn_angle.ptnr1_auth_comp_id    HIS 
_pdbx_struct_conn_angle.ptnr1_auth_seq_id     21 
_pdbx_struct_conn_angle.ptnr1_PDB_ins_code    ? 
_pdbx_struct_conn_angle.ptnr1_symmetry        1_555 
_pdbx_struct_conn_angle.ptnr2_label_atom_id   ZN 
_pdbx_struct_conn_angle.ptnr2_label_alt_id    ? 
_pdbx_struct_conn_angle.ptnr2_label_asym_id   B 
_pdbx_struct_conn_angle.ptnr2_label_comp_id   ZN 
_pdbx_struct_conn_angle.ptnr2_label_seq_id    . 
_pdbx_struct_conn_angle.ptnr2_auth_atom_id    ? 
_pdbx_struct_conn_angle.ptnr2_auth_asym_id    A 
_pdbx_struct_conn_angle.ptnr2_auth_comp_id    ZN 
_pdbx_struct_conn_angle.ptnr2_auth_seq_id     162 
_pdbx_struct_conn_angle.ptnr2_PDB_ins_code    ? 
_pdbx_struct_conn_angle.ptnr2_symmetry        1_555 
_pdbx_struct_conn_angle.ptnr3_label_atom_id   NE2 
_pdbx_struct_conn_angle.ptnr3_label_alt_id    ? 
_pdbx_struct_conn_angle.ptnr3_label_asym_id   A 
_pdbx_struct_conn_angle.ptnr3_label_comp_id   HIS 
_pdbx_struct_conn_angle.ptnr3_label_seq_id    26 
_pdbx_struct_conn_angle.ptnr3_auth_atom_id    ? 
_pdbx_struct_conn_angle.ptnr3_auth_asym_id    A 
_pdbx_struct_conn_angle.ptnr3_auth_comp_id    HIS 
_pdbx_struct_conn_angle.ptnr3_auth_seq_id     26 
_pdbx_struct_conn_angle.ptnr3_PDB_ins_code    ? 
_pdbx_struct_conn_angle.ptnr3_symmetry        1_555 
_pdbx_struct_conn_angle.value                 102.0 
_pdbx_struct_conn_angle.value_esd             ? 
# 
_struct_site.id                   AC1 
_struct_site.pdbx_evidence_code   Software 
_struct_site.pdbx_auth_asym_id    A 
_struct_site.pdbx_auth_comp_id    ZN 
_struct_site.pdbx_auth_seq_id     162 
_struct_site.pdbx_auth_ins_code   ? 
_struct_site.pdbx_num_residues    4 
_struct_site.details              'BINDING SITE FOR RESIDUE ZN A 162' 
# 
loop_
_struct_site_gen.id 
_struct_site_gen.site_id 
_struct_site_gen.pdbx_num_res 
_struct_site_gen.label_comp_id 
_struct_site_gen.label_asym_id 
_struct_site_gen.label_seq_id 
_struct_site_gen.pdbx_auth_ins_code 
_struct_site_gen.auth_comp_id 
_struct_site_gen.auth_asym_id 
_struct_site_gen.auth_seq_id 
_struct_site_gen.label_atom_id 
_struct_site_gen.label_alt_id 
_struct_site_gen.symmetry 
_struct_site_gen.details 
1 AC1 4 CYS A 5  ? CYS A 5  . ? 1_555 ? 
2 AC1 4 CYS A 8  ? CYS A 8  . ? 1_555 ? 
3 AC1 4 HIS A 21 ? HIS A 21 . ? 1_555 ? 
4 AC1 4 HIS A 26 ? HIS A 26 . ? 1_555 ? 
# 
loop_
_pdbx_validate_rmsd_angle.id 
_pdbx_validate_rmsd_angle.PDB_model_num 
_pdbx_validate_rmsd_angle.auth_atom_id_1 
_pdbx_validate_rmsd_angle.auth_asym_id_1 
_pdbx_validate_rmsd_angle.auth_comp_id_1 
_pdbx_validate_rmsd_angle.auth_seq_id_1 
_pdbx_validate_rmsd_angle.PDB_ins_code_1 
_pdbx_validate_rmsd_angle.label_alt_id_1 
_pdbx_validate_rmsd_angle.auth_atom_id_2 
_pdbx_validate_rmsd_angle.auth_asym_id_2 
_pdbx_validate_rmsd_angle.auth_comp_id_2 
_pdbx_validate_rmsd_angle.auth_seq_id_2 
_pdbx_validate_rmsd_angle.PDB_ins_code_2 
_pdbx_validate_rmsd_angle.label_alt_id_2 
_pdbx_validate_rmsd_angle.auth_atom_id_3 
_pdbx_validate_rmsd_angle.auth_asym_id_3 
_pdbx_validate_rmsd_angle.auth_comp_id_3 
_pdbx_validate_rmsd_angle.auth_seq_id_3 
_pdbx_validate_rmsd_angle.PDB_ins_code_3 
_pdbx_validate_rmsd_angle.label_alt_id_3 
_pdbx_validate_rmsd_angle.angle_value 
_pdbx_validate_rmsd_angle.angle_target_value 
_pdbx_validate_rmsd_angle.angle_deviation 
_pdbx_validate_rmsd_angle.angle_standard_deviation 
_pdbx_validate_rmsd_angle.linker_flag 
1 1 CB A LYS 1 ? ? CA A LYS 1 ? ? C   A LYS 1 ? ? 130.38 110.40 19.98 2.00 N 
2 1 CB A TYR 3 ? ? CG A TYR 3 ? ? CD2 A TYR 3 ? ? 116.82 121.00 -4.18 0.60 N 
# 
loop_
_pdbx_validate_torsion.id 
_pdbx_validate_torsion.PDB_model_num 
_pdbx_validate_torsion.auth_comp_id 
_pdbx_validate_torsion.auth_asym_id 
_pdbx_validate_torsion.auth_seq_id 
_pdbx_validate_torsion.PDB_ins_code 
_pdbx_validate_torsion.label_alt_id 
_pdbx_validate_torsion.phi 
_pdbx_validate_torsion.psi 
1 1 PRO A 2  ? ? -167.80 -1.47   
2 1 TYR A 3  ? ? -112.53 51.38   
3 1 CYS A 8  ? ? -154.67 17.08   
4 1 ASN A 9  ? ? 59.62   75.35   
5 1 THR A 13 ? ? -104.20 -101.37 
6 1 ILE A 25 ? ? -139.08 -43.04  
7 1 HIS A 26 ? ? -98.14  -63.82  
# 
loop_
_pdbx_validate_peptide_omega.id 
_pdbx_validate_peptide_omega.PDB_model_num 
_pdbx_validate_peptide_omega.auth_comp_id_1 
_pdbx_validate_peptide_omega.auth_asym_id_1 
_pdbx_validate_peptide_omega.auth_seq_id_1 
_pdbx_validate_peptide_omega.PDB_ins_code_1 
_pdbx_validate_peptide_omega.label_alt_id_1 
_pdbx_validate_peptide_omega.auth_comp_id_2 
_pdbx_validate_peptide_omega.auth_asym_id_2 
_pdbx_validate_peptide_omega.auth_seq_id_2 
_pdbx_validate_peptide_omega.PDB_ins_code_2 
_pdbx_validate_peptide_omega.label_alt_id_2 
_pdbx_validate_peptide_omega.omega 
1 1 LYS A 1 ? ? PRO A 2 ? ? -124.61 
2 1 PRO A 2 ? ? TYR A 3 ? ? -141.32 
# 
loop_
_pdbx_validate_planes.id 
_pdbx_validate_planes.PDB_model_num 
_pdbx_validate_planes.auth_comp_id 
_pdbx_validate_planes.auth_asym_id 
_pdbx_validate_planes.auth_seq_id 
_pdbx_validate_planes.PDB_ins_code 
_pdbx_validate_planes.label_alt_id 
_pdbx_validate_planes.rmsd 
_pdbx_validate_planes.type 
1 1 TYR A 3  ? ? 0.162 'SIDE CHAIN' 
2 1 ARG A 14 ? ? 0.089 'SIDE CHAIN' 
3 1 ARG A 15 ? ? 0.119 'SIDE CHAIN' 
4 1 ASP A 16 ? ? 0.105 'SIDE CHAIN' 
5 1 ARG A 20 ? ? 0.146 'SIDE CHAIN' 
6 1 GLN A 23 ? ? 0.075 'SIDE CHAIN' 
# 
loop_
_pdbx_validate_main_chain_plane.id 
_pdbx_validate_main_chain_plane.PDB_model_num 
_pdbx_validate_main_chain_plane.auth_comp_id 
_pdbx_validate_main_chain_plane.auth_asym_id 
_pdbx_validate_main_chain_plane.auth_seq_id 
_pdbx_validate_main_chain_plane.PDB_ins_code 
_pdbx_validate_main_chain_plane.label_alt_id 
_pdbx_validate_main_chain_plane.improper_torsion_angle 
1 1 CYS A 5  ? ? -10.12 
2 1 LEU A 7  ? ? 12.97  
3 1 ARG A 10 ? ? -13.15 
4 1 ASP A 16 ? ? -11.79 
5 1 ALA A 22 ? ? -13.14 
# 
_em_3d_fitting.id                1 
_em_3d_fitting.entry_id          5A7U 
_em_3d_fitting.ref_protocol      'RIGID BODY FIT' 
_em_3d_fitting.ref_space         REAL 
_em_3d_fitting.overall_b_value   ? 
_em_3d_fitting.target_criteria   ? 
_em_3d_fitting.details           'METHOD--RIGID BODY REFINEMENT PROTOCOL--NMR' 
_em_3d_fitting.method            ? 
# 
_em_3d_fitting_list.3d_fitting_id                 1 
_em_3d_fitting_list.id                            1 
_em_3d_fitting_list.pdb_entry_id                  2ADR 
_em_3d_fitting_list.pdb_chain_id                  ? 
_em_3d_fitting_list.details                       ? 
_em_3d_fitting_list.initial_refinement_model_id   1 
_em_3d_fitting_list.chain_id                      ? 
_em_3d_fitting_list.chain_residue_range           ? 
_em_3d_fitting_list.pdb_chain_residue_range       ? 
_em_3d_fitting_list.source_name                   PDB 
_em_3d_fitting_list.type                          'experimental model' 
_em_3d_fitting_list.accession_code                2ADR 
# 
_em_3d_reconstruction.entry_id                    5A7U 
_em_3d_reconstruction.id                          1 
_em_3d_reconstruction.symmetry_type               POINT 
_em_3d_reconstruction.num_particles               151900 
_em_3d_reconstruction.image_processing_id         1 
_em_3d_reconstruction.method                      ? 
_em_3d_reconstruction.nominal_pixel_size          3.7 
_em_3d_reconstruction.actual_pixel_size           3.7 
_em_3d_reconstruction.resolution                  4.8 
_em_3d_reconstruction.magnification_calibration   ? 
_em_3d_reconstruction.details                     
'SUBMISSION BASED ON EXPERIMENTAL DATA FROM EMDB EMD-3079. (DEPOSITION ID: 13581).' 
_em_3d_reconstruction.num_class_averages          ? 
_em_3d_reconstruction.resolution_method           ? 
_em_3d_reconstruction.algorithm                   ? 
# 
_em_buffer.id            1 
_em_buffer.specimen_id   1 
_em_buffer.name          '20 MM HEPES PH 7.2 , 50 MM KOAC, 5 MM MG OAC2, 0.03% DDM, 50 MICROM ZNCL2, 125 MM SUCROSE.' 
_em_buffer.pH            7.2 
_em_buffer.details       '20 MM HEPES PH 7.2 , 50 MM KOAC, 5 MM MG OAC2, 0.03% DDM, 50 MICROM ZNCL2, 125 MM SUCROSE.' 
# 
_em_entity_assembly.id                   1 
_em_entity_assembly.name                 'ADR1 DOMAIN COTRANSLATIONALLY FOLDED INSIDE THE E. COLI RIBOSOME EXIT TUNNEL' 
_em_entity_assembly.type                 RIBOSOME 
_em_entity_assembly.parent_id            0 
_em_entity_assembly.synonym              ? 
_em_entity_assembly.details              ? 
_em_entity_assembly.oligomeric_details   ? 
# 
_em_image_scans.entry_id                5A7U 
_em_image_scans.id                      1 
_em_image_scans.image_recording_id      1 
_em_image_scans.number_digital_images   2000 
_em_image_scans.citation_id             ? 
_em_image_scans.od_range                ? 
_em_image_scans.quant_bit_size          ? 
_em_image_scans.sampling_size           ? 
_em_image_scans.scanner_model           ? 
_em_image_scans.details                 ? 
# 
_em_imaging.entry_id                        5A7U 
_em_imaging.id                              1 
_em_imaging.microscope_model                'FEI TITAN KRIOS' 
_em_imaging.specimen_id                     1 
_em_imaging.date                            2015-04-13 
_em_imaging.temperature                     ? 
_em_imaging.nominal_defocus_min             1000 
_em_imaging.nominal_defocus_max             3200 
_em_imaging.tilt_angle_min                  ? 
_em_imaging.tilt_angle_max                  ? 
_em_imaging.nominal_cs                      ? 
_em_imaging.mode                            'BRIGHT FIELD' 
_em_imaging.illumination_mode               'SPOT SCAN' 
_em_imaging.nominal_magnification           ? 
_em_imaging.calibrated_magnification        ? 
_em_imaging.electron_source                 'FIELD EMISSION GUN' 
_em_imaging.accelerating_voltage            300 
_em_imaging.details                         ? 
_em_imaging.specimen_holder_type            . 
_em_imaging.specimen_holder_model           . 
_em_imaging.citation_id                     ? 
_em_imaging.astigmatism                     ? 
_em_imaging.detector_distance               ? 
_em_imaging.electron_beam_tilt_params       ? 
_em_imaging.recording_temperature_maximum   ? 
_em_imaging.recording_temperature_minimum   ? 
# 
_em_sample_support.id               1 
_em_sample_support.specimen_id      1 
_em_sample_support.details          CARBON 
_em_sample_support.method           ? 
_em_sample_support.film_material    ? 
_em_sample_support.grid_material    ? 
_em_sample_support.grid_mesh_size   ? 
_em_sample_support.grid_type        ? 
# 
_em_vitrification.entry_id              5A7U 
_em_vitrification.id                    1 
_em_vitrification.instrument            'FEI VITROBOT MARK IV' 
_em_vitrification.cryogen_name          ETHANE 
_em_vitrification.specimen_id           1 
_em_vitrification.details               'VITRIFICATION 1 -- CRYOGEN- ETHANE, INSTRUMENT- FEI VITROBOT MARK IV,' 
_em_vitrification.citation_id           ? 
_em_vitrification.humidity              ? 
_em_vitrification.method                ? 
_em_vitrification.temp                  ? 
_em_vitrification.time_resolved_state   ? 
# 
_em_experiment.entry_id                5A7U 
_em_experiment.id                      1 
_em_experiment.aggregation_state       PARTICLE 
_em_experiment.entity_assembly_id      1 
_em_experiment.reconstruction_method   'SINGLE PARTICLE' 
# 
_em_single_particle_entity.entry_id              5A7U 
_em_single_particle_entity.id                    1 
_em_single_particle_entity.point_symmetry        C1 
_em_single_particle_entity.image_processing_id   1 
# 
loop_
_pdbx_unobs_or_zero_occ_residues.id 
_pdbx_unobs_or_zero_occ_residues.PDB_model_num 
_pdbx_unobs_or_zero_occ_residues.polymer_flag 
_pdbx_unobs_or_zero_occ_residues.occupancy_flag 
_pdbx_unobs_or_zero_occ_residues.auth_asym_id 
_pdbx_unobs_or_zero_occ_residues.auth_comp_id 
_pdbx_unobs_or_zero_occ_residues.auth_seq_id 
_pdbx_unobs_or_zero_occ_residues.PDB_ins_code 
_pdbx_unobs_or_zero_occ_residues.label_asym_id 
_pdbx_unobs_or_zero_occ_residues.label_comp_id 
_pdbx_unobs_or_zero_occ_residues.label_seq_id 
1 1 Y 1 A GLY 28 ? A GLY 28 
2 1 Y 1 A ASN 29 ? A ASN 29 
# 
loop_
_chem_comp_atom.comp_id 
_chem_comp_atom.atom_id 
_chem_comp_atom.type_symbol 
_chem_comp_atom.pdbx_aromatic_flag 
_chem_comp_atom.pdbx_stereo_config 
_chem_comp_atom.pdbx_ordinal 
ALA N    N  N N 1   
ALA CA   C  N S 2   
ALA C    C  N N 3   
ALA O    O  N N 4   
ALA CB   C  N N 5   
ALA OXT  O  N N 6   
ALA H    H  N N 7   
ALA H2   H  N N 8   
ALA HA   H  N N 9   
ALA HB1  H  N N 10  
ALA HB2  H  N N 11  
ALA HB3  H  N N 12  
ALA HXT  H  N N 13  
ARG N    N  N N 14  
ARG CA   C  N S 15  
ARG C    C  N N 16  
ARG O    O  N N 17  
ARG CB   C  N N 18  
ARG CG   C  N N 19  
ARG CD   C  N N 20  
ARG NE   N  N N 21  
ARG CZ   C  N N 22  
ARG NH1  N  N N 23  
ARG NH2  N  N N 24  
ARG OXT  O  N N 25  
ARG H    H  N N 26  
ARG H2   H  N N 27  
ARG HA   H  N N 28  
ARG HB2  H  N N 29  
ARG HB3  H  N N 30  
ARG HG2  H  N N 31  
ARG HG3  H  N N 32  
ARG HD2  H  N N 33  
ARG HD3  H  N N 34  
ARG HE   H  N N 35  
ARG HH11 H  N N 36  
ARG HH12 H  N N 37  
ARG HH21 H  N N 38  
ARG HH22 H  N N 39  
ARG HXT  H  N N 40  
ASN N    N  N N 41  
ASN CA   C  N S 42  
ASN C    C  N N 43  
ASN O    O  N N 44  
ASN CB   C  N N 45  
ASN CG   C  N N 46  
ASN OD1  O  N N 47  
ASN ND2  N  N N 48  
ASN OXT  O  N N 49  
ASN H    H  N N 50  
ASN H2   H  N N 51  
ASN HA   H  N N 52  
ASN HB2  H  N N 53  
ASN HB3  H  N N 54  
ASN HD21 H  N N 55  
ASN HD22 H  N N 56  
ASN HXT  H  N N 57  
ASP N    N  N N 58  
ASP CA   C  N S 59  
ASP C    C  N N 60  
ASP O    O  N N 61  
ASP CB   C  N N 62  
ASP CG   C  N N 63  
ASP OD1  O  N N 64  
ASP OD2  O  N N 65  
ASP OXT  O  N N 66  
ASP H    H  N N 67  
ASP H2   H  N N 68  
ASP HA   H  N N 69  
ASP HB2  H  N N 70  
ASP HB3  H  N N 71  
ASP HD2  H  N N 72  
ASP HXT  H  N N 73  
CYS N    N  N N 74  
CYS CA   C  N R 75  
CYS C    C  N N 76  
CYS O    O  N N 77  
CYS CB   C  N N 78  
CYS SG   S  N N 79  
CYS OXT  O  N N 80  
CYS H    H  N N 81  
CYS H2   H  N N 82  
CYS HA   H  N N 83  
CYS HB2  H  N N 84  
CYS HB3  H  N N 85  
CYS HG   H  N N 86  
CYS HXT  H  N N 87  
GLN N    N  N N 88  
GLN CA   C  N S 89  
GLN C    C  N N 90  
GLN O    O  N N 91  
GLN CB   C  N N 92  
GLN CG   C  N N 93  
GLN CD   C  N N 94  
GLN OE1  O  N N 95  
GLN NE2  N  N N 96  
GLN OXT  O  N N 97  
GLN H    H  N N 98  
GLN H2   H  N N 99  
GLN HA   H  N N 100 
GLN HB2  H  N N 101 
GLN HB3  H  N N 102 
GLN HG2  H  N N 103 
GLN HG3  H  N N 104 
GLN HE21 H  N N 105 
GLN HE22 H  N N 106 
GLN HXT  H  N N 107 
GLY N    N  N N 108 
GLY CA   C  N N 109 
GLY C    C  N N 110 
GLY O    O  N N 111 
GLY OXT  O  N N 112 
GLY H    H  N N 113 
GLY H2   H  N N 114 
GLY HA2  H  N N 115 
GLY HA3  H  N N 116 
GLY HXT  H  N N 117 
HIS N    N  N N 118 
HIS CA   C  N S 119 
HIS C    C  N N 120 
HIS O    O  N N 121 
HIS CB   C  N N 122 
HIS CG   C  Y N 123 
HIS ND1  N  Y N 124 
HIS CD2  C  Y N 125 
HIS CE1  C  Y N 126 
HIS NE2  N  Y N 127 
HIS OXT  O  N N 128 
HIS H    H  N N 129 
HIS H2   H  N N 130 
HIS HA   H  N N 131 
HIS HB2  H  N N 132 
HIS HB3  H  N N 133 
HIS HD1  H  N N 134 
HIS HD2  H  N N 135 
HIS HE1  H  N N 136 
HIS HE2  H  N N 137 
HIS HXT  H  N N 138 
ILE N    N  N N 139 
ILE CA   C  N S 140 
ILE C    C  N N 141 
ILE O    O  N N 142 
ILE CB   C  N S 143 
ILE CG1  C  N N 144 
ILE CG2  C  N N 145 
ILE CD1  C  N N 146 
ILE OXT  O  N N 147 
ILE H    H  N N 148 
ILE H2   H  N N 149 
ILE HA   H  N N 150 
ILE HB   H  N N 151 
ILE HG12 H  N N 152 
ILE HG13 H  N N 153 
ILE HG21 H  N N 154 
ILE HG22 H  N N 155 
ILE HG23 H  N N 156 
ILE HD11 H  N N 157 
ILE HD12 H  N N 158 
ILE HD13 H  N N 159 
ILE HXT  H  N N 160 
LEU N    N  N N 161 
LEU CA   C  N S 162 
LEU C    C  N N 163 
LEU O    O  N N 164 
LEU CB   C  N N 165 
LEU CG   C  N N 166 
LEU CD1  C  N N 167 
LEU CD2  C  N N 168 
LEU OXT  O  N N 169 
LEU H    H  N N 170 
LEU H2   H  N N 171 
LEU HA   H  N N 172 
LEU HB2  H  N N 173 
LEU HB3  H  N N 174 
LEU HG   H  N N 175 
LEU HD11 H  N N 176 
LEU HD12 H  N N 177 
LEU HD13 H  N N 178 
LEU HD21 H  N N 179 
LEU HD22 H  N N 180 
LEU HD23 H  N N 181 
LEU HXT  H  N N 182 
LYS N    N  N N 183 
LYS CA   C  N S 184 
LYS C    C  N N 185 
LYS O    O  N N 186 
LYS CB   C  N N 187 
LYS CG   C  N N 188 
LYS CD   C  N N 189 
LYS CE   C  N N 190 
LYS NZ   N  N N 191 
LYS OXT  O  N N 192 
LYS H    H  N N 193 
LYS H2   H  N N 194 
LYS HA   H  N N 195 
LYS HB2  H  N N 196 
LYS HB3  H  N N 197 
LYS HG2  H  N N 198 
LYS HG3  H  N N 199 
LYS HD2  H  N N 200 
LYS HD3  H  N N 201 
LYS HE2  H  N N 202 
LYS HE3  H  N N 203 
LYS HZ1  H  N N 204 
LYS HZ2  H  N N 205 
LYS HZ3  H  N N 206 
LYS HXT  H  N N 207 
PHE N    N  N N 208 
PHE CA   C  N S 209 
PHE C    C  N N 210 
PHE O    O  N N 211 
PHE CB   C  N N 212 
PHE CG   C  Y N 213 
PHE CD1  C  Y N 214 
PHE CD2  C  Y N 215 
PHE CE1  C  Y N 216 
PHE CE2  C  Y N 217 
PHE CZ   C  Y N 218 
PHE OXT  O  N N 219 
PHE H    H  N N 220 
PHE H2   H  N N 221 
PHE HA   H  N N 222 
PHE HB2  H  N N 223 
PHE HB3  H  N N 224 
PHE HD1  H  N N 225 
PHE HD2  H  N N 226 
PHE HE1  H  N N 227 
PHE HE2  H  N N 228 
PHE HZ   H  N N 229 
PHE HXT  H  N N 230 
PRO N    N  N N 231 
PRO CA   C  N S 232 
PRO C    C  N N 233 
PRO O    O  N N 234 
PRO CB   C  N N 235 
PRO CG   C  N N 236 
PRO CD   C  N N 237 
PRO OXT  O  N N 238 
PRO H    H  N N 239 
PRO HA   H  N N 240 
PRO HB2  H  N N 241 
PRO HB3  H  N N 242 
PRO HG2  H  N N 243 
PRO HG3  H  N N 244 
PRO HD2  H  N N 245 
PRO HD3  H  N N 246 
PRO HXT  H  N N 247 
SER N    N  N N 248 
SER CA   C  N S 249 
SER C    C  N N 250 
SER O    O  N N 251 
SER CB   C  N N 252 
SER OG   O  N N 253 
SER OXT  O  N N 254 
SER H    H  N N 255 
SER H2   H  N N 256 
SER HA   H  N N 257 
SER HB2  H  N N 258 
SER HB3  H  N N 259 
SER HG   H  N N 260 
SER HXT  H  N N 261 
THR N    N  N N 262 
THR CA   C  N S 263 
THR C    C  N N 264 
THR O    O  N N 265 
THR CB   C  N R 266 
THR OG1  O  N N 267 
THR CG2  C  N N 268 
THR OXT  O  N N 269 
THR H    H  N N 270 
THR H2   H  N N 271 
THR HA   H  N N 272 
THR HB   H  N N 273 
THR HG1  H  N N 274 
THR HG21 H  N N 275 
THR HG22 H  N N 276 
THR HG23 H  N N 277 
THR HXT  H  N N 278 
TYR N    N  N N 279 
TYR CA   C  N S 280 
TYR C    C  N N 281 
TYR O    O  N N 282 
TYR CB   C  N N 283 
TYR CG   C  Y N 284 
TYR CD1  C  Y N 285 
TYR CD2  C  Y N 286 
TYR CE1  C  Y N 287 
TYR CE2  C  Y N 288 
TYR CZ   C  Y N 289 
TYR OH   O  N N 290 
TYR OXT  O  N N 291 
TYR H    H  N N 292 
TYR H2   H  N N 293 
TYR HA   H  N N 294 
TYR HB2  H  N N 295 
TYR HB3  H  N N 296 
TYR HD1  H  N N 297 
TYR HD2  H  N N 298 
TYR HE1  H  N N 299 
TYR HE2  H  N N 300 
TYR HH   H  N N 301 
TYR HXT  H  N N 302 
ZN  ZN   ZN N N 303 
# 
loop_
_chem_comp_bond.comp_id 
_chem_comp_bond.atom_id_1 
_chem_comp_bond.atom_id_2 
_chem_comp_bond.value_order 
_chem_comp_bond.pdbx_aromatic_flag 
_chem_comp_bond.pdbx_stereo_config 
_chem_comp_bond.pdbx_ordinal 
ALA N   CA   sing N N 1   
ALA N   H    sing N N 2   
ALA N   H2   sing N N 3   
ALA CA  C    sing N N 4   
ALA CA  CB   sing N N 5   
ALA CA  HA   sing N N 6   
ALA C   O    doub N N 7   
ALA C   OXT  sing N N 8   
ALA CB  HB1  sing N N 9   
ALA CB  HB2  sing N N 10  
ALA CB  HB3  sing N N 11  
ALA OXT HXT  sing N N 12  
ARG N   CA   sing N N 13  
ARG N   H    sing N N 14  
ARG N   H2   sing N N 15  
ARG CA  C    sing N N 16  
ARG CA  CB   sing N N 17  
ARG CA  HA   sing N N 18  
ARG C   O    doub N N 19  
ARG C   OXT  sing N N 20  
ARG CB  CG   sing N N 21  
ARG CB  HB2  sing N N 22  
ARG CB  HB3  sing N N 23  
ARG CG  CD   sing N N 24  
ARG CG  HG2  sing N N 25  
ARG CG  HG3  sing N N 26  
ARG CD  NE   sing N N 27  
ARG CD  HD2  sing N N 28  
ARG CD  HD3  sing N N 29  
ARG NE  CZ   sing N N 30  
ARG NE  HE   sing N N 31  
ARG CZ  NH1  sing N N 32  
ARG CZ  NH2  doub N N 33  
ARG NH1 HH11 sing N N 34  
ARG NH1 HH12 sing N N 35  
ARG NH2 HH21 sing N N 36  
ARG NH2 HH22 sing N N 37  
ARG OXT HXT  sing N N 38  
ASN N   CA   sing N N 39  
ASN N   H    sing N N 40  
ASN N   H2   sing N N 41  
ASN CA  C    sing N N 42  
ASN CA  CB   sing N N 43  
ASN CA  HA   sing N N 44  
ASN C   O    doub N N 45  
ASN C   OXT  sing N N 46  
ASN CB  CG   sing N N 47  
ASN CB  HB2  sing N N 48  
ASN CB  HB3  sing N N 49  
ASN CG  OD1  doub N N 50  
ASN CG  ND2  sing N N 51  
ASN ND2 HD21 sing N N 52  
ASN ND2 HD22 sing N N 53  
ASN OXT HXT  sing N N 54  
ASP N   CA   sing N N 55  
ASP N   H    sing N N 56  
ASP N   H2   sing N N 57  
ASP CA  C    sing N N 58  
ASP CA  CB   sing N N 59  
ASP CA  HA   sing N N 60  
ASP C   O    doub N N 61  
ASP C   OXT  sing N N 62  
ASP CB  CG   sing N N 63  
ASP CB  HB2  sing N N 64  
ASP CB  HB3  sing N N 65  
ASP CG  OD1  doub N N 66  
ASP CG  OD2  sing N N 67  
ASP OD2 HD2  sing N N 68  
ASP OXT HXT  sing N N 69  
CYS N   CA   sing N N 70  
CYS N   H    sing N N 71  
CYS N   H2   sing N N 72  
CYS CA  C    sing N N 73  
CYS CA  CB   sing N N 74  
CYS CA  HA   sing N N 75  
CYS C   O    doub N N 76  
CYS C   OXT  sing N N 77  
CYS CB  SG   sing N N 78  
CYS CB  HB2  sing N N 79  
CYS CB  HB3  sing N N 80  
CYS SG  HG   sing N N 81  
CYS OXT HXT  sing N N 82  
GLN N   CA   sing N N 83  
GLN N   H    sing N N 84  
GLN N   H2   sing N N 85  
GLN CA  C    sing N N 86  
GLN CA  CB   sing N N 87  
GLN CA  HA   sing N N 88  
GLN C   O    doub N N 89  
GLN C   OXT  sing N N 90  
GLN CB  CG   sing N N 91  
GLN CB  HB2  sing N N 92  
GLN CB  HB3  sing N N 93  
GLN CG  CD   sing N N 94  
GLN CG  HG2  sing N N 95  
GLN CG  HG3  sing N N 96  
GLN CD  OE1  doub N N 97  
GLN CD  NE2  sing N N 98  
GLN NE2 HE21 sing N N 99  
GLN NE2 HE22 sing N N 100 
GLN OXT HXT  sing N N 101 
GLY N   CA   sing N N 102 
GLY N   H    sing N N 103 
GLY N   H2   sing N N 104 
GLY CA  C    sing N N 105 
GLY CA  HA2  sing N N 106 
GLY CA  HA3  sing N N 107 
GLY C   O    doub N N 108 
GLY C   OXT  sing N N 109 
GLY OXT HXT  sing N N 110 
HIS N   CA   sing N N 111 
HIS N   H    sing N N 112 
HIS N   H2   sing N N 113 
HIS CA  C    sing N N 114 
HIS CA  CB   sing N N 115 
HIS CA  HA   sing N N 116 
HIS C   O    doub N N 117 
HIS C   OXT  sing N N 118 
HIS CB  CG   sing N N 119 
HIS CB  HB2  sing N N 120 
HIS CB  HB3  sing N N 121 
HIS CG  ND1  sing Y N 122 
HIS CG  CD2  doub Y N 123 
HIS ND1 CE1  doub Y N 124 
HIS ND1 HD1  sing N N 125 
HIS CD2 NE2  sing Y N 126 
HIS CD2 HD2  sing N N 127 
HIS CE1 NE2  sing Y N 128 
HIS CE1 HE1  sing N N 129 
HIS NE2 HE2  sing N N 130 
HIS OXT HXT  sing N N 131 
ILE N   CA   sing N N 132 
ILE N   H    sing N N 133 
ILE N   H2   sing N N 134 
ILE CA  C    sing N N 135 
ILE CA  CB   sing N N 136 
ILE CA  HA   sing N N 137 
ILE C   O    doub N N 138 
ILE C   OXT  sing N N 139 
ILE CB  CG1  sing N N 140 
ILE CB  CG2  sing N N 141 
ILE CB  HB   sing N N 142 
ILE CG1 CD1  sing N N 143 
ILE CG1 HG12 sing N N 144 
ILE CG1 HG13 sing N N 145 
ILE CG2 HG21 sing N N 146 
ILE CG2 HG22 sing N N 147 
ILE CG2 HG23 sing N N 148 
ILE CD1 HD11 sing N N 149 
ILE CD1 HD12 sing N N 150 
ILE CD1 HD13 sing N N 151 
ILE OXT HXT  sing N N 152 
LEU N   CA   sing N N 153 
LEU N   H    sing N N 154 
LEU N   H2   sing N N 155 
LEU CA  C    sing N N 156 
LEU CA  CB   sing N N 157 
LEU CA  HA   sing N N 158 
LEU C   O    doub N N 159 
LEU C   OXT  sing N N 160 
LEU CB  CG   sing N N 161 
LEU CB  HB2  sing N N 162 
LEU CB  HB3  sing N N 163 
LEU CG  CD1  sing N N 164 
LEU CG  CD2  sing N N 165 
LEU CG  HG   sing N N 166 
LEU CD1 HD11 sing N N 167 
LEU CD1 HD12 sing N N 168 
LEU CD1 HD13 sing N N 169 
LEU CD2 HD21 sing N N 170 
LEU CD2 HD22 sing N N 171 
LEU CD2 HD23 sing N N 172 
LEU OXT HXT  sing N N 173 
LYS N   CA   sing N N 174 
LYS N   H    sing N N 175 
LYS N   H2   sing N N 176 
LYS CA  C    sing N N 177 
LYS CA  CB   sing N N 178 
LYS CA  HA   sing N N 179 
LYS C   O    doub N N 180 
LYS C   OXT  sing N N 181 
LYS CB  CG   sing N N 182 
LYS CB  HB2  sing N N 183 
LYS CB  HB3  sing N N 184 
LYS CG  CD   sing N N 185 
LYS CG  HG2  sing N N 186 
LYS CG  HG3  sing N N 187 
LYS CD  CE   sing N N 188 
LYS CD  HD2  sing N N 189 
LYS CD  HD3  sing N N 190 
LYS CE  NZ   sing N N 191 
LYS CE  HE2  sing N N 192 
LYS CE  HE3  sing N N 193 
LYS NZ  HZ1  sing N N 194 
LYS NZ  HZ2  sing N N 195 
LYS NZ  HZ3  sing N N 196 
LYS OXT HXT  sing N N 197 
PHE N   CA   sing N N 198 
PHE N   H    sing N N 199 
PHE N   H2   sing N N 200 
PHE CA  C    sing N N 201 
PHE CA  CB   sing N N 202 
PHE CA  HA   sing N N 203 
PHE C   O    doub N N 204 
PHE C   OXT  sing N N 205 
PHE CB  CG   sing N N 206 
PHE CB  HB2  sing N N 207 
PHE CB  HB3  sing N N 208 
PHE CG  CD1  doub Y N 209 
PHE CG  CD2  sing Y N 210 
PHE CD1 CE1  sing Y N 211 
PHE CD1 HD1  sing N N 212 
PHE CD2 CE2  doub Y N 213 
PHE CD2 HD2  sing N N 214 
PHE CE1 CZ   doub Y N 215 
PHE CE1 HE1  sing N N 216 
PHE CE2 CZ   sing Y N 217 
PHE CE2 HE2  sing N N 218 
PHE CZ  HZ   sing N N 219 
PHE OXT HXT  sing N N 220 
PRO N   CA   sing N N 221 
PRO N   CD   sing N N 222 
PRO N   H    sing N N 223 
PRO CA  C    sing N N 224 
PRO CA  CB   sing N N 225 
PRO CA  HA   sing N N 226 
PRO C   O    doub N N 227 
PRO C   OXT  sing N N 228 
PRO CB  CG   sing N N 229 
PRO CB  HB2  sing N N 230 
PRO CB  HB3  sing N N 231 
PRO CG  CD   sing N N 232 
PRO CG  HG2  sing N N 233 
PRO CG  HG3  sing N N 234 
PRO CD  HD2  sing N N 235 
PRO CD  HD3  sing N N 236 
PRO OXT HXT  sing N N 237 
SER N   CA   sing N N 238 
SER N   H    sing N N 239 
SER N   H2   sing N N 240 
SER CA  C    sing N N 241 
SER CA  CB   sing N N 242 
SER CA  HA   sing N N 243 
SER C   O    doub N N 244 
SER C   OXT  sing N N 245 
SER CB  OG   sing N N 246 
SER CB  HB2  sing N N 247 
SER CB  HB3  sing N N 248 
SER OG  HG   sing N N 249 
SER OXT HXT  sing N N 250 
THR N   CA   sing N N 251 
THR N   H    sing N N 252 
THR N   H2   sing N N 253 
THR CA  C    sing N N 254 
THR CA  CB   sing N N 255 
THR CA  HA   sing N N 256 
THR C   O    doub N N 257 
THR C   OXT  sing N N 258 
THR CB  OG1  sing N N 259 
THR CB  CG2  sing N N 260 
THR CB  HB   sing N N 261 
THR OG1 HG1  sing N N 262 
THR CG2 HG21 sing N N 263 
THR CG2 HG22 sing N N 264 
THR CG2 HG23 sing N N 265 
THR OXT HXT  sing N N 266 
TYR N   CA   sing N N 267 
TYR N   H    sing N N 268 
TYR N   H2   sing N N 269 
TYR CA  C    sing N N 270 
TYR CA  CB   sing N N 271 
TYR CA  HA   sing N N 272 
TYR C   O    doub N N 273 
TYR C   OXT  sing N N 274 
TYR CB  CG   sing N N 275 
TYR CB  HB2  sing N N 276 
TYR CB  HB3  sing N N 277 
TYR CG  CD1  doub Y N 278 
TYR CG  CD2  sing Y N 279 
TYR CD1 CE1  sing Y N 280 
TYR CD1 HD1  sing N N 281 
TYR CD2 CE2  doub Y N 282 
TYR CD2 HD2  sing N N 283 
TYR CE1 CZ   doub Y N 284 
TYR CE1 HE1  sing N N 285 
TYR CE2 CZ   sing Y N 286 
TYR CE2 HE2  sing N N 287 
TYR CZ  OH   sing N N 288 
TYR OH  HH   sing N N 289 
TYR OXT HXT  sing N N 290 
# 
_em_ctf_correction.id        1 
_em_ctf_correction.details   MICROGRAPH 
_em_ctf_correction.type      ? 
# 
_em_image_processing.id                   1 
_em_image_processing.image_recording_id   1 
_em_image_processing.details              ? 
# 
_em_image_recording.avg_electron_dose_per_image   5 
_em_image_recording.details                       ? 
_em_image_recording.id                            1 
_em_image_recording.film_or_detector_model        'FEI FALCON II (4k x 4k)' 
_em_image_recording.imaging_id                    1 
_em_image_recording.detector_mode                 ? 
_em_image_recording.average_exposure_time         ? 
_em_image_recording.num_diffraction_images        ? 
_em_image_recording.num_grids_imaged              ? 
_em_image_recording.num_real_images               ? 
# 
loop_
_em_software.id 
_em_software.name 
_em_software.version 
_em_software.category 
_em_software.details 
_em_software.image_processing_id 
_em_software.imaging_id 
_em_software.fitting_id 
1 'UCSF Chimera' ? 'MODEL FITTING' ? ? ? 1 
2 SPIDER         ? RECONSTRUCTION  ? 1 ? ? 
# 
_em_specimen.experiment_id           1 
_em_specimen.id                      1 
_em_specimen.concentration           ? 
_em_specimen.vitrification_applied   YES 
_em_specimen.staining_applied        NO 
_em_specimen.embedding_applied       NO 
_em_specimen.shadowing_applied       NO 
_em_specimen.details                 ? 
# 
_pdbx_initial_refinement_model.id               1 
_pdbx_initial_refinement_model.type             'experimental model' 
_pdbx_initial_refinement_model.source_name      PDB 
_pdbx_initial_refinement_model.accession_code   2ADR 
# 
_atom_sites.entry_id                    5A7U 
_atom_sites.fract_transf_matrix[1][1]   1.000000 
_atom_sites.fract_transf_matrix[1][2]   0.000000 
_atom_sites.fract_transf_matrix[1][3]   0.000000 
_atom_sites.fract_transf_matrix[2][1]   0.000000 
_atom_sites.fract_transf_matrix[2][2]   1.000000 
_atom_sites.fract_transf_matrix[2][3]   0.000000 
_atom_sites.fract_transf_matrix[3][1]   0.000000 
_atom_sites.fract_transf_matrix[3][2]   0.000000 
_atom_sites.fract_transf_matrix[3][3]   1.000000 
_atom_sites.fract_transf_vector[1]      0.00000 
_atom_sites.fract_transf_vector[2]      0.00000 
_atom_sites.fract_transf_vector[3]      0.00000 
# 
loop_
_atom_type.symbol 
C  
H  
N  
O  
S  
ZN 
# 
loop_
_atom_site.group_PDB 
_atom_site.id 
_atom_site.type_symbol 
_atom_site.label_atom_id 
_atom_site.label_alt_id 
_atom_site.label_comp_id 
_atom_site.label_asym_id 
_atom_site.label_entity_id 
_atom_site.label_seq_id 
_atom_site.pdbx_PDB_ins_code 
_atom_site.Cartn_x 
_atom_site.Cartn_y 
_atom_site.Cartn_z 
_atom_site.occupancy 
_atom_site.B_iso_or_equiv 
_atom_site.pdbx_formal_charge 
_atom_site.auth_seq_id 
_atom_site.auth_comp_id 
_atom_site.auth_asym_id 
_atom_site.auth_atom_id 
_atom_site.pdbx_PDB_model_num 
ATOM   1   N  N    . LYS A 1 1  ? 12.484  3.627  -4.490  1.00 0.00 ? 1   LYS A N    1 
ATOM   2   C  CA   . LYS A 1 1  ? 11.736  2.761  -3.588  1.00 0.00 ? 1   LYS A CA   1 
ATOM   3   C  C    . LYS A 1 1  ? 10.850  1.734  -4.431  1.00 0.00 ? 1   LYS A C    1 
ATOM   4   O  O    . LYS A 1 1  ? 11.363  1.327  -5.461  1.00 0.00 ? 1   LYS A O    1 
ATOM   5   C  CB   . LYS A 1 1  ? 11.364  3.639  -2.330  1.00 0.00 ? 1   LYS A CB   1 
ATOM   6   C  CG   . LYS A 1 1  ? 10.860  5.098  -2.455  1.00 0.00 ? 1   LYS A CG   1 
ATOM   7   C  CD   . LYS A 1 1  ? 9.610   5.412  -3.290  1.00 0.00 ? 1   LYS A CD   1 
ATOM   8   C  CE   . LYS A 1 1  ? 9.800   5.462  -4.807  1.00 0.00 ? 1   LYS A CE   1 
ATOM   9   N  NZ   . LYS A 1 1  ? 9.221   4.272  -5.480  1.00 0.00 ? 1   LYS A NZ   1 
ATOM   10  H  H    . LYS A 1 1  ? 13.194  3.198  -5.081  1.00 0.00 ? 1   LYS A H    1 
ATOM   11  H  HA   . LYS A 1 1  ? 12.476  2.078  -3.165  1.00 0.00 ? 1   LYS A HA   1 
ATOM   12  H  HB2  . LYS A 1 1  ? 10.763  3.126  -1.589  1.00 0.00 ? 1   LYS A HB2  1 
ATOM   13  H  HB3  . LYS A 1 1  ? 12.301  3.747  -1.778  1.00 0.00 ? 1   LYS A HB3  1 
ATOM   14  H  HG2  . LYS A 1 1  ? 10.636  5.429  -1.437  1.00 0.00 ? 1   LYS A HG2  1 
ATOM   15  H  HG3  . LYS A 1 1  ? 11.676  5.731  -2.799  1.00 0.00 ? 1   LYS A HG3  1 
ATOM   16  H  HD2  . LYS A 1 1  ? 8.833   4.703  -3.053  1.00 0.00 ? 1   LYS A HD2  1 
ATOM   17  H  HD3  . LYS A 1 1  ? 9.253   6.396  -2.974  1.00 0.00 ? 1   LYS A HD3  1 
ATOM   18  H  HE2  . LYS A 1 1  ? 9.294   6.358  -5.177  1.00 0.00 ? 1   LYS A HE2  1 
ATOM   19  H  HE3  . LYS A 1 1  ? 10.868  5.558  -5.030  1.00 0.00 ? 1   LYS A HE3  1 
ATOM   20  H  HZ1  . LYS A 1 1  ? 8.255   4.129  -5.196  1.00 0.00 ? 1   LYS A HZ1  1 
ATOM   21  H  HZ2  . LYS A 1 1  ? 9.241   4.388  -6.485  1.00 0.00 ? 1   LYS A HZ2  1 
ATOM   22  H  HZ3  . LYS A 1 1  ? 9.775   3.456  -5.265  1.00 0.00 ? 1   LYS A HZ3  1 
ATOM   23  N  N    . PRO A 1 2  ? 9.618   1.249  -4.110  1.00 0.00 ? 2   PRO A N    1 
ATOM   24  C  CA   . PRO A 1 2  ? 9.407   -0.239 -4.044  1.00 0.00 ? 2   PRO A CA   1 
ATOM   25  C  C    . PRO A 1 2  ? 7.959   -0.896 -3.959  1.00 0.00 ? 2   PRO A C    1 
ATOM   26  O  O    . PRO A 1 2  ? 7.899   -2.070 -3.618  1.00 0.00 ? 2   PRO A O    1 
ATOM   27  C  CB   . PRO A 1 2  ? 10.095  -0.526 -2.703  1.00 0.00 ? 2   PRO A CB   1 
ATOM   28  C  CG   . PRO A 1 2  ? 9.595   0.696  -1.970  1.00 0.00 ? 2   PRO A CG   1 
ATOM   29  C  CD   . PRO A 1 2  ? 9.018   1.717  -2.930  1.00 0.00 ? 2   PRO A CD   1 
ATOM   30  H  HA   . PRO A 1 2  ? 9.966   -0.755 -4.825  1.00 0.00 ? 2   PRO A HA   1 
ATOM   31  H  HB2  . PRO A 1 2  ? 9.752   -1.426 -2.186  1.00 0.00 ? 2   PRO A HB2  1 
ATOM   32  H  HB3  . PRO A 1 2  ? 11.182  -0.514 -2.769  1.00 0.00 ? 2   PRO A HB3  1 
ATOM   33  H  HG2  . PRO A 1 2  ? 8.733   0.318  -1.524  1.00 0.00 ? 2   PRO A HG2  1 
ATOM   34  H  HG3  . PRO A 1 2  ? 10.342  1.088  -1.289  1.00 0.00 ? 2   PRO A HG3  1 
ATOM   35  H  HD2  . PRO A 1 2  ? 7.939   1.660  -2.989  1.00 0.00 ? 2   PRO A HD2  1 
ATOM   36  H  HD3  . PRO A 1 2  ? 9.211   2.742  -2.703  1.00 0.00 ? 2   PRO A HD3  1 
ATOM   37  N  N    . TYR A 1 3  ? 6.810   -0.177 -3.911  1.00 0.00 ? 3   TYR A N    1 
ATOM   38  C  CA   . TYR A 1 3  ? 5.625   -0.547 -3.063  1.00 0.00 ? 3   TYR A CA   1 
ATOM   39  C  C    . TYR A 1 3  ? 4.274   -1.005 -3.710  1.00 0.00 ? 3   TYR A C    1 
ATOM   40  O  O    . TYR A 1 3  ? 3.259   -0.369 -3.428  1.00 0.00 ? 3   TYR A O    1 
ATOM   41  C  CB   . TYR A 1 3  ? 5.364   0.537  -1.969  1.00 0.00 ? 3   TYR A CB   1 
ATOM   42  C  CG   . TYR A 1 3  ? 6.363   0.732  -0.844  1.00 0.00 ? 3   TYR A CG   1 
ATOM   43  C  CD1  . TYR A 1 3  ? 6.934   -0.344 -0.128  1.00 0.00 ? 3   TYR A CD1  1 
ATOM   44  C  CD2  . TYR A 1 3  ? 6.838   2.039  -0.636  1.00 0.00 ? 3   TYR A CD2  1 
ATOM   45  C  CE1  . TYR A 1 3  ? 8.094   -0.117 0.650   1.00 0.00 ? 3   TYR A CE1  1 
ATOM   46  C  CE2  . TYR A 1 3  ? 8.009   2.269  0.109   1.00 0.00 ? 3   TYR A CE2  1 
ATOM   47  C  CZ   . TYR A 1 3  ? 8.660   1.182  0.730   1.00 0.00 ? 3   TYR A CZ   1 
ATOM   48  O  OH   . TYR A 1 3  ? 9.911   1.347  1.240   1.00 0.00 ? 3   TYR A OH   1 
ATOM   49  H  H    . TYR A 1 3  ? 6.872   0.785  -4.190  1.00 0.00 ? 3   TYR A H    1 
ATOM   50  H  HA   . TYR A 1 3  ? 5.910   -1.437 -2.504  1.00 0.00 ? 3   TYR A HA   1 
ATOM   51  H  HB2  . TYR A 1 3  ? 5.239   1.486  -2.482  1.00 0.00 ? 3   TYR A HB2  1 
ATOM   52  H  HB3  . TYR A 1 3  ? 4.420   0.347  -1.472  1.00 0.00 ? 3   TYR A HB3  1 
ATOM   53  H  HD1  . TYR A 1 3  ? 6.617   -1.359 -0.327  1.00 0.00 ? 3   TYR A HD1  1 
ATOM   54  H  HD2  . TYR A 1 3  ? 6.350   2.856  -1.141  1.00 0.00 ? 3   TYR A HD2  1 
ATOM   55  H  HE1  . TYR A 1 3  ? 8.663   -0.958 1.018   1.00 0.00 ? 3   TYR A HE1  1 
ATOM   56  H  HE2  . TYR A 1 3  ? 8.432   3.263  0.145   1.00 0.00 ? 3   TYR A HE2  1 
ATOM   57  H  HH   . TYR A 1 3  ? 10.364  2.112  0.879   1.00 0.00 ? 3   TYR A HH   1 
ATOM   58  N  N    . PRO A 1 4  ? 4.163   -1.977 -4.637  1.00 0.00 ? 4   PRO A N    1 
ATOM   59  C  CA   . PRO A 1 4  ? 2.875   -2.287 -5.277  1.00 0.00 ? 4   PRO A CA   1 
ATOM   60  C  C    . PRO A 1 4  ? 1.853   -2.931 -4.303  1.00 0.00 ? 4   PRO A C    1 
ATOM   61  O  O    . PRO A 1 4  ? 2.154   -3.926 -3.649  1.00 0.00 ? 4   PRO A O    1 
ATOM   62  C  CB   . PRO A 1 4  ? 3.220   -3.200 -6.455  1.00 0.00 ? 4   PRO A CB   1 
ATOM   63  C  CG   . PRO A 1 4  ? 4.529   -3.882 -6.048  1.00 0.00 ? 4   PRO A CG   1 
ATOM   64  C  CD   . PRO A 1 4  ? 5.155   -2.985 -4.973  1.00 0.00 ? 4   PRO A CD   1 
ATOM   65  H  HA   . PRO A 1 4  ? 2.442   -1.370 -5.672  1.00 0.00 ? 4   PRO A HA   1 
ATOM   66  H  HB2  . PRO A 1 4  ? 2.430   -3.929 -6.655  1.00 0.00 ? 4   PRO A HB2  1 
ATOM   67  H  HB3  . PRO A 1 4  ? 3.390   -2.593 -7.346  1.00 0.00 ? 4   PRO A HB3  1 
ATOM   68  H  HG2  . PRO A 1 4  ? 4.314   -4.866 -5.630  1.00 0.00 ? 4   PRO A HG2  1 
ATOM   69  H  HG3  . PRO A 1 4  ? 5.193   -3.980 -6.909  1.00 0.00 ? 4   PRO A HG3  1 
ATOM   70  H  HD2  . PRO A 1 4  ? 5.375   -3.586 -4.089  1.00 0.00 ? 4   PRO A HD2  1 
ATOM   71  H  HD3  . PRO A 1 4  ? 6.067   -2.530 -5.357  1.00 0.00 ? 4   PRO A HD3  1 
ATOM   72  N  N    . CYS A 1 5  ? 0.623   -2.397 -4.204  1.00 0.00 ? 5   CYS A N    1 
ATOM   73  C  CA   . CYS A 1 5  ? -0.475  -2.997 -3.413  1.00 0.00 ? 5   CYS A CA   1 
ATOM   74  C  C    . CYS A 1 5  ? -1.364  -3.920 -4.284  1.00 0.00 ? 5   CYS A C    1 
ATOM   75  O  O    . CYS A 1 5  ? -2.108  -3.418 -5.130  1.00 0.00 ? 5   CYS A O    1 
ATOM   76  C  CB   . CYS A 1 5  ? -1.314  -1.875 -2.766  1.00 0.00 ? 5   CYS A CB   1 
ATOM   77  S  SG   . CYS A 1 5  ? -2.560  -2.520 -1.593  1.00 0.00 ? 5   CYS A SG   1 
ATOM   78  H  H    . CYS A 1 5  ? 0.425   -1.599 -4.787  1.00 0.00 ? 5   CYS A H    1 
ATOM   79  H  HA   . CYS A 1 5  ? -0.035  -3.596 -2.613  1.00 0.00 ? 5   CYS A HA   1 
ATOM   80  H  HB2  . CYS A 1 5  ? -0.645  -1.180 -2.251  1.00 0.00 ? 5   CYS A HB2  1 
ATOM   81  H  HB3  . CYS A 1 5  ? -1.834  -1.341 -3.560  1.00 0.00 ? 5   CYS A HB3  1 
ATOM   82  H  HG   . CYS A 1 5  ? -1.665  -3.037 -0.732  1.00 0.00 ? 5   CYS A HG   1 
ATOM   83  N  N    . GLY A 1 6  ? -1.583  -5.167 -3.844  1.00 0.00 ? 6   GLY A N    1 
ATOM   84  C  CA   . GLY A 1 6  ? -2.284  -6.215 -4.622  1.00 0.00 ? 6   GLY A CA   1 
ATOM   85  C  C    . GLY A 1 6  ? -3.776  -6.398 -4.357  1.00 0.00 ? 6   GLY A C    1 
ATOM   86  O  O    . GLY A 1 6  ? -4.305  -7.484 -4.531  1.00 0.00 ? 6   GLY A O    1 
ATOM   87  H  H    . GLY A 1 6  ? -1.041  -5.491 -3.059  1.00 0.00 ? 6   GLY A H    1 
ATOM   88  H  HA2  . GLY A 1 6  ? -2.185  -5.995 -5.685  1.00 0.00 ? 6   GLY A HA2  1 
ATOM   89  H  HA3  . GLY A 1 6  ? -1.810  -7.176 -4.428  1.00 0.00 ? 6   GLY A HA3  1 
ATOM   90  N  N    . LEU A 1 7  ? -4.396  -5.416 -3.714  1.00 0.00 ? 7   LEU A N    1 
ATOM   91  C  CA   . LEU A 1 7  ? -5.757  -5.506 -3.174  1.00 0.00 ? 7   LEU A CA   1 
ATOM   92  C  C    . LEU A 1 7  ? -6.693  -4.487 -3.850  1.00 0.00 ? 7   LEU A C    1 
ATOM   93  O  O    . LEU A 1 7  ? -7.792  -4.261 -3.354  1.00 0.00 ? 7   LEU A O    1 
ATOM   94  C  CB   . LEU A 1 7  ? -5.668  -5.314 -1.649  1.00 0.00 ? 7   LEU A CB   1 
ATOM   95  C  CG   . LEU A 1 7  ? -4.508  -6.034 -0.925  1.00 0.00 ? 7   LEU A CG   1 
ATOM   96  C  CD1  . LEU A 1 7  ? -4.482  -5.647 0.540   1.00 0.00 ? 7   LEU A CD1  1 
ATOM   97  C  CD2  . LEU A 1 7  ? -4.665  -7.549 -0.974  1.00 0.00 ? 7   LEU A CD2  1 
ATOM   98  H  H    . LEU A 1 7  ? -3.870  -4.570 -3.566  1.00 0.00 ? 7   LEU A H    1 
ATOM   99  H  HA   . LEU A 1 7  ? -6.181  -6.499 -3.364  1.00 0.00 ? 7   LEU A HA   1 
ATOM   100 H  HB2  . LEU A 1 7  ? -5.540  -4.254 -1.475  1.00 0.00 ? 7   LEU A HB2  1 
ATOM   101 H  HB3  . LEU A 1 7  ? -6.613  -5.637 -1.212  1.00 0.00 ? 7   LEU A HB3  1 
ATOM   102 H  HG   . LEU A 1 7  ? -3.549  -5.729 -1.340  1.00 0.00 ? 7   LEU A HG   1 
ATOM   103 H  HD11 . LEU A 1 7  ? -4.475  -4.571 0.661   1.00 0.00 ? 7   LEU A HD11 1 
ATOM   104 H  HD12 . LEU A 1 7  ? -5.352  -6.109 0.985   1.00 0.00 ? 7   LEU A HD12 1 
ATOM   105 H  HD13 . LEU A 1 7  ? -3.605  -6.062 1.032   1.00 0.00 ? 7   LEU A HD13 1 
ATOM   106 H  HD21 . LEU A 1 7  ? -5.712  -7.827 -0.841  1.00 0.00 ? 7   LEU A HD21 1 
ATOM   107 H  HD22 . LEU A 1 7  ? -4.319  -7.924 -1.935  1.00 0.00 ? 7   LEU A HD22 1 
ATOM   108 H  HD23 . LEU A 1 7  ? -4.078  -8.021 -0.187  1.00 0.00 ? 7   LEU A HD23 1 
ATOM   109 N  N    . CYS A 1 8  ? -6.077  -3.570 -4.607  1.00 0.00 ? 8   CYS A N    1 
ATOM   110 C  CA   . CYS A 1 8  ? -6.690  -2.374 -5.175  1.00 0.00 ? 8   CYS A CA   1 
ATOM   111 C  C    . CYS A 1 8  ? -5.992  -1.831 -6.461  1.00 0.00 ? 8   CYS A C    1 
ATOM   112 O  O    . CYS A 1 8  ? -6.264  -0.694 -6.842  1.00 0.00 ? 8   CYS A O    1 
ATOM   113 C  CB   . CYS A 1 8  ? -6.866  -1.346 -4.039  1.00 0.00 ? 8   CYS A CB   1 
ATOM   114 S  SG   . CYS A 1 8  ? -5.284  -0.831 -3.317  1.00 0.00 ? 8   CYS A SG   1 
ATOM   115 H  H    . CYS A 1 8  ? -5.108  -3.734 -4.825  1.00 0.00 ? 8   CYS A H    1 
ATOM   116 H  HA   . CYS A 1 8  ? -7.693  -2.662 -5.496  1.00 0.00 ? 8   CYS A HA   1 
ATOM   117 H  HB2  . CYS A 1 8  ? -7.404  -0.502 -4.475  1.00 0.00 ? 8   CYS A HB2  1 
ATOM   118 H  HB3  . CYS A 1 8  ? -7.532  -1.789 -3.296  1.00 0.00 ? 8   CYS A HB3  1 
ATOM   119 N  N    . ASN A 1 9  ? -5.156  -2.658 -7.122  1.00 0.00 ? 9   ASN A N    1 
ATOM   120 C  CA   . ASN A 1 9  ? -4.489  -2.475 -8.436  1.00 0.00 ? 9   ASN A CA   1 
ATOM   121 C  C    . ASN A 1 9  ? -3.540  -1.255 -8.588  1.00 0.00 ? 9   ASN A C    1 
ATOM   122 O  O    . ASN A 1 9  ? -3.975  -0.207 -9.075  1.00 0.00 ? 9   ASN A O    1 
ATOM   123 C  CB   . ASN A 1 9  ? -5.550  -2.536 -9.554  1.00 0.00 ? 9   ASN A CB   1 
ATOM   124 C  CG   . ASN A 1 9  ? -4.883  -2.508 -10.918 1.00 0.00 ? 9   ASN A CG   1 
ATOM   125 O  OD1  . ASN A 1 9  ? -4.046  -3.342 -11.203 1.00 0.00 ? 9   ASN A OD1  1 
ATOM   126 N  ND2  . ASN A 1 9  ? -4.914  -1.389 -11.599 1.00 0.00 ? 9   ASN A ND2  1 
ATOM   127 H  H    . ASN A 1 9  ? -5.091  -3.591 -6.750  1.00 0.00 ? 9   ASN A H    1 
ATOM   128 H  HA   . ASN A 1 9  ? -3.853  -3.348 -8.589  1.00 0.00 ? 9   ASN A HA   1 
ATOM   129 H  HB2  . ASN A 1 9  ? -6.125  -3.458 -9.481  1.00 0.00 ? 9   ASN A HB2  1 
ATOM   130 H  HB3  . ASN A 1 9  ? -6.238  -1.695 -9.467  1.00 0.00 ? 9   ASN A HB3  1 
ATOM   131 H  HD21 . ASN A 1 9  ? -5.339  -0.575 -11.193 1.00 0.00 ? 9   ASN A HD21 1 
ATOM   132 H  HD22 . ASN A 1 9  ? -4.304  -1.340 -12.396 1.00 0.00 ? 9   ASN A HD22 1 
ATOM   133 N  N    . ARG A 1 10 ? -2.314  -1.293 -8.014  1.00 0.00 ? 10  ARG A N    1 
ATOM   134 C  CA   . ARG A 1 10 ? -1.522  -0.067 -7.711  1.00 0.00 ? 10  ARG A CA   1 
ATOM   135 C  C    . ARG A 1 10 ? 0.013   -0.153 -7.725  1.00 0.00 ? 10  ARG A C    1 
ATOM   136 O  O    . ARG A 1 10 ? 0.571   -1.121 -7.220  1.00 0.00 ? 10  ARG A O    1 
ATOM   137 C  CB   . ARG A 1 10 ? -1.997  0.509  -6.361  1.00 0.00 ? 10  ARG A CB   1 
ATOM   138 C  CG   . ARG A 1 10 ? -3.414  1.057  -6.506  1.00 0.00 ? 10  ARG A CG   1 
ATOM   139 C  CD   . ARG A 1 10 ? -3.950  1.971  -5.425  1.00 0.00 ? 10  ARG A CD   1 
ATOM   140 N  NE   . ARG A 1 10 ? -5.275  2.448  -5.874  1.00 0.00 ? 10  ARG A NE   1 
ATOM   141 C  CZ   . ARG A 1 10 ? -6.421  2.430  -5.229  1.00 0.00 ? 10  ARG A CZ   1 
ATOM   142 N  NH1  . ARG A 1 10 ? -6.556  1.840  -4.081  1.00 0.00 ? 10  ARG A NH1  1 
ATOM   143 N  NH2  . ARG A 1 10 ? -7.484  2.981  -5.743  1.00 0.00 ? 10  ARG A NH2  1 
ATOM   144 H  H    . ARG A 1 10 ? -1.980  -2.182 -7.661  1.00 0.00 ? 10  ARG A H    1 
ATOM   145 H  HA   . ARG A 1 10 ? -1.756  0.658  -8.494  1.00 0.00 ? 10  ARG A HA   1 
ATOM   146 H  HB2  . ARG A 1 10 ? -1.983  -0.282 -5.610  1.00 0.00 ? 10  ARG A HB2  1 
ATOM   147 H  HB3  . ARG A 1 10 ? -1.343  1.324  -6.054  1.00 0.00 ? 10  ARG A HB3  1 
ATOM   148 H  HG2  . ARG A 1 10 ? -3.471  1.610  -7.443  1.00 0.00 ? 10  ARG A HG2  1 
ATOM   149 H  HG3  . ARG A 1 10 ? -4.079  0.206  -6.542  1.00 0.00 ? 10  ARG A HG3  1 
ATOM   150 H  HD2  . ARG A 1 10 ? -4.001  1.427  -4.483  1.00 0.00 ? 10  ARG A HD2  1 
ATOM   151 H  HD3  . ARG A 1 10 ? -3.275  2.822  -5.314  1.00 0.00 ? 10  ARG A HD3  1 
ATOM   152 H  HE   . ARG A 1 10 ? -5.332  2.704  -6.848  1.00 0.00 ? 10  ARG A HE   1 
ATOM   153 H  HH11 . ARG A 1 10 ? -5.888  1.081  -3.961  1.00 0.00 ? 10  ARG A HH11 1 
ATOM   154 H  HH12 . ARG A 1 10 ? -7.488  1.718  -3.753  1.00 0.00 ? 10  ARG A HH12 1 
ATOM   155 H  HH21 . ARG A 1 10 ? -7.440  3.368  -6.671  1.00 0.00 ? 10  ARG A HH21 1 
ATOM   156 H  HH22 . ARG A 1 10 ? -8.362  2.982  -5.260  1.00 0.00 ? 10  ARG A HH22 1 
ATOM   157 N  N    . CYS A 1 11 ? 0.607   1.046  -7.809  1.00 0.00 ? 11  CYS A N    1 
ATOM   158 C  CA   . CYS A 1 11 ? 2.023   1.412  -7.613  1.00 0.00 ? 11  CYS A CA   1 
ATOM   159 C  C    . CYS A 1 11 ? 2.153   2.724  -6.780  1.00 0.00 ? 11  CYS A C    1 
ATOM   160 O  O    . CYS A 1 11 ? 1.130   3.342  -6.482  1.00 0.00 ? 11  CYS A O    1 
ATOM   161 C  CB   . CYS A 1 11 ? 2.662   1.542  -9.002  1.00 0.00 ? 11  CYS A CB   1 
ATOM   162 H  H    . CYS A 1 11 ? -0.004  1.832  -7.963  1.00 0.00 ? 11  CYS A H    1 
ATOM   163 H  HA   . CYS A 1 11 ? 2.533   0.610  -7.075  1.00 0.00 ? 11  CYS A HA   1 
ATOM   164 H  HB2  . CYS A 1 11 ? 3.731   1.729  -8.914  1.00 0.00 ? 11  CYS A HB2  1 
ATOM   165 H  HB3  . CYS A 1 11 ? 2.511   0.621  -9.569  1.00 0.00 ? 11  CYS A HB3  1 
ATOM   166 H  HB1  . CYS A 1 11 ? 2.198   2.367  -9.546  1.00 0.00 ? 11  CYS A HB1  1 
ATOM   167 N  N    . PHE A 1 12 ? 3.343   3.045  -6.230  1.00 0.00 ? 12  PHE A N    1 
ATOM   168 C  CA   . PHE A 1 12 ? 3.482   3.847  -4.983  1.00 0.00 ? 12  PHE A CA   1 
ATOM   169 C  C    . PHE A 1 12 ? 4.705   4.762  -4.712  1.00 0.00 ? 12  PHE A C    1 
ATOM   170 O  O    . PHE A 1 12 ? 5.814   4.519  -5.204  1.00 0.00 ? 12  PHE A O    1 
ATOM   171 C  CB   . PHE A 1 12 ? 3.238   2.930  -3.774  1.00 0.00 ? 12  PHE A CB   1 
ATOM   172 C  CG   . PHE A 1 12 ? 1.789   2.692  -3.410  1.00 0.00 ? 12  PHE A CG   1 
ATOM   173 C  CD1  . PHE A 1 12 ? 1.130   3.569  -2.527  1.00 0.00 ? 12  PHE A CD1  1 
ATOM   174 C  CD2  . PHE A 1 12 ? 1.105   1.580  -3.923  1.00 0.00 ? 12  PHE A CD2  1 
ATOM   175 C  CE1  . PHE A 1 12 ? -0.204  3.328  -2.157  1.00 0.00 ? 12  PHE A CE1  1 
ATOM   176 C  CE2  . PHE A 1 12 ? -0.218  1.330  -3.536  1.00 0.00 ? 12  PHE A CE2  1 
ATOM   177 C  CZ   . PHE A 1 12 ? -0.879  2.200  -2.656  1.00 0.00 ? 12  PHE A CZ   1 
ATOM   178 H  H    . PHE A 1 12 ? 4.152   2.529  -6.536  1.00 0.00 ? 12  PHE A H    1 
ATOM   179 H  HA   . PHE A 1 12 ? 2.647   4.551  -4.997  1.00 0.00 ? 12  PHE A HA   1 
ATOM   180 H  HB2  . PHE A 1 12 ? 3.715   1.980  -3.997  1.00 0.00 ? 12  PHE A HB2  1 
ATOM   181 H  HB3  . PHE A 1 12 ? 3.734   3.318  -2.884  1.00 0.00 ? 12  PHE A HB3  1 
ATOM   182 H  HD1  . PHE A 1 12 ? 1.647   4.434  -2.136  1.00 0.00 ? 12  PHE A HD1  1 
ATOM   183 H  HD2  . PHE A 1 12 ? 1.591   0.916  -4.619  1.00 0.00 ? 12  PHE A HD2  1 
ATOM   184 H  HE1  . PHE A 1 12 ? -0.710  4.014  -1.493  1.00 0.00 ? 12  PHE A HE1  1 
ATOM   185 H  HE2  . PHE A 1 12 ? -0.722  0.473  -3.941  1.00 0.00 ? 12  PHE A HE2  1 
ATOM   186 H  HZ   . PHE A 1 12 ? -1.904  2.013  -2.380  1.00 0.00 ? 12  PHE A HZ   1 
ATOM   187 N  N    . THR A 1 13 ? 4.565   5.581  -3.648  1.00 0.00 ? 13  THR A N    1 
ATOM   188 C  CA   . THR A 1 13 ? 5.604   6.403  -2.982  1.00 0.00 ? 13  THR A CA   1 
ATOM   189 C  C    . THR A 1 13 ? 6.142   5.882  -1.625  1.00 0.00 ? 13  THR A C    1 
ATOM   190 O  O    . THR A 1 13 ? 7.035   5.043  -1.661  1.00 0.00 ? 13  THR A O    1 
ATOM   191 C  CB   . THR A 1 13 ? 5.421   7.928  -3.143  1.00 0.00 ? 13  THR A CB   1 
ATOM   192 O  OG1  . THR A 1 13 ? 4.746   8.474  -2.036  1.00 0.00 ? 13  THR A OG1  1 
ATOM   193 C  CG2  . THR A 1 13 ? 4.639   8.343  -4.393  1.00 0.00 ? 13  THR A CG2  1 
ATOM   194 H  H    . THR A 1 13 ? 3.652   5.597  -3.218  1.00 0.00 ? 13  THR A H    1 
ATOM   195 H  HA   . THR A 1 13 ? 6.475   6.248  -3.616  1.00 0.00 ? 13  THR A HA   1 
ATOM   196 H  HB   . THR A 1 13 ? 6.410   8.385  -3.193  1.00 0.00 ? 13  THR A HB   1 
ATOM   197 H  HG1  . THR A 1 13 ? 4.544   9.393  -2.254  1.00 0.00 ? 13  THR A HG1  1 
ATOM   198 H  HG21 . THR A 1 13 ? 5.058   7.853  -5.272  1.00 0.00 ? 13  THR A HG21 1 
ATOM   199 H  HG22 . THR A 1 13 ? 3.587   8.073  -4.298  1.00 0.00 ? 13  THR A HG22 1 
ATOM   200 H  HG23 . THR A 1 13 ? 4.719   9.422  -4.539  1.00 0.00 ? 13  THR A HG23 1 
ATOM   201 N  N    . ARG A 1 14 ? 5.751   6.372  -0.433  1.00 0.00 ? 14  ARG A N    1 
ATOM   202 C  CA   . ARG A 1 14 ? 6.353   5.927  0.859   1.00 0.00 ? 14  ARG A CA   1 
ATOM   203 C  C    . ARG A 1 14 ? 5.887   4.537  1.346   1.00 0.00 ? 14  ARG A C    1 
ATOM   204 O  O    . ARG A 1 14 ? 4.831   4.060  0.935   1.00 0.00 ? 14  ARG A O    1 
ATOM   205 C  CB   . ARG A 1 14 ? 6.184   6.957  1.991   1.00 0.00 ? 14  ARG A CB   1 
ATOM   206 C  CG   . ARG A 1 14 ? 6.725   8.357  1.675   1.00 0.00 ? 14  ARG A CG   1 
ATOM   207 C  CD   . ARG A 1 14 ? 7.046   9.138  2.964   1.00 0.00 ? 14  ARG A CD   1 
ATOM   208 N  NE   . ARG A 1 14 ? 8.031   10.209 2.700   1.00 0.00 ? 14  ARG A NE   1 
ATOM   209 C  CZ   . ARG A 1 14 ? 8.735   10.867 3.607   1.00 0.00 ? 14  ARG A CZ   1 
ATOM   210 N  NH1  . ARG A 1 14 ? 8.404   10.889 4.865   1.00 0.00 ? 14  ARG A NH1  1 
ATOM   211 N  NH2  . ARG A 1 14 ? 9.811   11.514 3.252   1.00 0.00 ? 14  ARG A NH2  1 
ATOM   212 H  H    . ARG A 1 14 ? 5.047   7.103  -0.438  1.00 0.00 ? 14  ARG A H    1 
ATOM   213 H  HA   . ARG A 1 14 ? 7.428   5.828  0.692   1.00 0.00 ? 14  ARG A HA   1 
ATOM   214 H  HB2  . ARG A 1 14 ? 5.146   7.013  2.310   1.00 0.00 ? 14  ARG A HB2  1 
ATOM   215 H  HB3  . ARG A 1 14 ? 6.758   6.574  2.830   1.00 0.00 ? 14  ARG A HB3  1 
ATOM   216 H  HG2  . ARG A 1 14 ? 7.641   8.251  1.093   1.00 0.00 ? 14  ARG A HG2  1 
ATOM   217 H  HG3  . ARG A 1 14 ? 5.995   8.911  1.084   1.00 0.00 ? 14  ARG A HG3  1 
ATOM   218 H  HD2  . ARG A 1 14 ? 6.123   9.547  3.382   1.00 0.00 ? 14  ARG A HD2  1 
ATOM   219 H  HD3  . ARG A 1 14 ? 7.474   8.448  3.697   1.00 0.00 ? 14  ARG A HD3  1 
ATOM   220 H  HE   . ARG A 1 14 ? 8.305   10.341 1.742   1.00 0.00 ? 14  ARG A HE   1 
ATOM   221 H  HH11 . ARG A 1 14 ? 7.558   10.429 5.154   1.00 0.00 ? 14  ARG A HH11 1 
ATOM   222 H  HH12 . ARG A 1 14 ? 8.935   11.427 5.527   1.00 0.00 ? 14  ARG A HH12 1 
ATOM   223 H  HH21 . ARG A 1 14 ? 10.138  11.488 2.303   1.00 0.00 ? 14  ARG A HH21 1 
ATOM   224 H  HH22 . ARG A 1 14 ? 10.369  11.982 3.945   1.00 0.00 ? 14  ARG A HH22 1 
ATOM   225 N  N    . ARG A 1 15 ? 6.670   3.888  2.233   1.00 0.00 ? 15  ARG A N    1 
ATOM   226 C  CA   . ARG A 1 15 ? 6.388   2.526  2.763   1.00 0.00 ? 15  ARG A CA   1 
ATOM   227 C  C    . ARG A 1 15 ? 5.243   2.547  3.745   1.00 0.00 ? 15  ARG A C    1 
ATOM   228 O  O    . ARG A 1 15 ? 4.321   1.743  3.682   1.00 0.00 ? 15  ARG A O    1 
ATOM   229 C  CB   . ARG A 1 15 ? 7.604   1.925  3.504   1.00 0.00 ? 15  ARG A CB   1 
ATOM   230 C  CG   . ARG A 1 15 ? 7.444   0.403  3.701   1.00 0.00 ? 15  ARG A CG   1 
ATOM   231 C  CD   . ARG A 1 15 ? 8.794   -0.282 3.983   1.00 0.00 ? 15  ARG A CD   1 
ATOM   232 N  NE   . ARG A 1 15 ? 8.669   -1.497 4.813   1.00 0.00 ? 15  ARG A NE   1 
ATOM   233 C  CZ   . ARG A 1 15 ? 8.821   -1.518 6.125   1.00 0.00 ? 15  ARG A CZ   1 
ATOM   234 N  NH1  . ARG A 1 15 ? 8.648   -0.443 6.844   1.00 0.00 ? 15  ARG A NH1  1 
ATOM   235 N  NH2  . ARG A 1 15 ? 9.164   -2.610 6.742   1.00 0.00 ? 15  ARG A NH2  1 
ATOM   236 H  H    . ARG A 1 15 ? 7.477   4.382  2.588   1.00 0.00 ? 15  ARG A H    1 
ATOM   237 H  HA   . ARG A 1 15 ? 6.086   1.875  1.940   1.00 0.00 ? 15  ARG A HA   1 
ATOM   238 H  HB2  . ARG A 1 15 ? 8.519   2.174  2.989   1.00 0.00 ? 15  ARG A HB2  1 
ATOM   239 H  HB3  . ARG A 1 15 ? 7.733   2.380  4.486   1.00 0.00 ? 15  ARG A HB3  1 
ATOM   240 H  HG2  . ARG A 1 15 ? 6.763   0.242  4.527   1.00 0.00 ? 15  ARG A HG2  1 
ATOM   241 H  HG3  . ARG A 1 15 ? 6.973   -0.063 2.839   1.00 0.00 ? 15  ARG A HG3  1 
ATOM   242 H  HD2  . ARG A 1 15 ? 9.268   -0.554 3.040   1.00 0.00 ? 15  ARG A HD2  1 
ATOM   243 H  HD3  . ARG A 1 15 ? 9.464   0.427  4.471   1.00 0.00 ? 15  ARG A HD3  1 
ATOM   244 H  HE   . ARG A 1 15 ? 8.717   -2.383 4.333   1.00 0.00 ? 15  ARG A HE   1 
ATOM   245 H  HH11 . ARG A 1 15 ? 8.327   0.392  6.388   1.00 0.00 ? 15  ARG A HH11 1 
ATOM   246 H  HH12 . ARG A 1 15 ? 8.773   -0.463 7.839   1.00 0.00 ? 15  ARG A HH12 1 
ATOM   247 H  HH21 . ARG A 1 15 ? 9.391   -3.440 6.220   1.00 0.00 ? 15  ARG A HH21 1 
ATOM   248 H  HH22 . ARG A 1 15 ? 9.362   -2.591 7.726   1.00 0.00 ? 15  ARG A HH22 1 
ATOM   249 N  N    . ASP A 1 16 ? 5.431   3.414  4.722   1.00 0.00 ? 16  ASP A N    1 
ATOM   250 C  CA   . ASP A 1 16 ? 4.540   3.735  5.814   1.00 0.00 ? 16  ASP A CA   1 
ATOM   251 C  C    . ASP A 1 16 ? 3.102   4.026  5.370   1.00 0.00 ? 16  ASP A C    1 
ATOM   252 O  O    . ASP A 1 16 ? 2.186   3.345  5.823   1.00 0.00 ? 16  ASP A O    1 
ATOM   253 C  CB   . ASP A 1 16 ? 5.185   4.896  6.596   1.00 0.00 ? 16  ASP A CB   1 
ATOM   254 C  CG   . ASP A 1 16 ? 5.700   6.010  5.662   1.00 0.00 ? 16  ASP A CG   1 
ATOM   255 O  OD1  . ASP A 1 16 ? 4.866   6.620  5.029   1.00 0.00 ? 16  ASP A OD1  1 
ATOM   256 O  OD2  . ASP A 1 16 ? 6.850   5.748  5.131   1.00 0.00 ? 16  ASP A OD2  1 
ATOM   257 H  H    . ASP A 1 16 ? 6.224   4.045  4.622   1.00 0.00 ? 16  ASP A H    1 
ATOM   258 H  HA   . ASP A 1 16 ? 4.498   2.871  6.480   1.00 0.00 ? 16  ASP A HA   1 
ATOM   259 H  HB2  . ASP A 1 16 ? 4.461   5.309  7.306   1.00 0.00 ? 16  ASP A HB2  1 
ATOM   260 H  HB3  . ASP A 1 16 ? 6.018   4.494  7.170   1.00 0.00 ? 16  ASP A HB3  1 
ATOM   261 N  N    . LEU A 1 17 ? 2.981   4.674  4.209   1.00 0.00 ? 17  LEU A N    1 
ATOM   262 C  CA   . LEU A 1 17 ? 1.737   4.859  3.467   1.00 0.00 ? 17  LEU A CA   1 
ATOM   263 C  C    . LEU A 1 17 ? 1.103   3.563  2.939   1.00 0.00 ? 17  LEU A C    1 
ATOM   264 O  O    . LEU A 1 17 ? -0.114  3.426  3.056   1.00 0.00 ? 17  LEU A O    1 
ATOM   265 C  CB   . LEU A 1 17 ? 1.995   5.831  2.302   1.00 0.00 ? 17  LEU A CB   1 
ATOM   266 C  CG   . LEU A 1 17 ? 2.017   7.309  2.725   1.00 0.00 ? 17  LEU A CG   1 
ATOM   267 C  CD1  . LEU A 1 17 ? 2.522   8.180  1.574   1.00 0.00 ? 17  LEU A CD1  1 
ATOM   268 C  CD2  . LEU A 1 17 ? 0.611   7.798  3.090   1.00 0.00 ? 17  LEU A CD2  1 
ATOM   269 H  H    . LEU A 1 17 ? 3.774   5.266  3.971   1.00 0.00 ? 17  LEU A H    1 
ATOM   270 H  HA   . LEU A 1 17 ? 1.011   5.292  4.150   1.00 0.00 ? 17  LEU A HA   1 
ATOM   271 H  HB2  . LEU A 1 17 ? 2.949   5.575  1.841   1.00 0.00 ? 17  LEU A HB2  1 
ATOM   272 H  HB3  . LEU A 1 17 ? 1.221   5.701  1.543   1.00 0.00 ? 17  LEU A HB3  1 
ATOM   273 H  HG   . LEU A 1 17 ? 2.680   7.439  3.579   1.00 0.00 ? 17  LEU A HG   1 
ATOM   274 H  HD11 . LEU A 1 17 ? 3.432   7.764  1.151   1.00 0.00 ? 17  LEU A HD11 1 
ATOM   275 H  HD12 . LEU A 1 17 ? 1.770   8.245  0.787   1.00 0.00 ? 17  LEU A HD12 1 
ATOM   276 H  HD13 . LEU A 1 17 ? 2.737   9.180  1.951   1.00 0.00 ? 17  LEU A HD13 1 
ATOM   277 H  HD21 . LEU A 1 17 ? -0.082  7.581  2.278   1.00 0.00 ? 17  LEU A HD21 1 
ATOM   278 H  HD22 . LEU A 1 17 ? 0.268   7.312  4.002   1.00 0.00 ? 17  LEU A HD22 1 
ATOM   279 H  HD23 . LEU A 1 17 ? 0.632   8.875  3.263   1.00 0.00 ? 17  LEU A HD23 1 
ATOM   280 N  N    . LEU A 1 18 ? 1.861   2.599  2.394   1.00 0.00 ? 18  LEU A N    1 
ATOM   281 C  CA   . LEU A 1 18 ? 1.293   1.300  1.987   1.00 0.00 ? 18  LEU A CA   1 
ATOM   282 C  C    . LEU A 1 18 ? 0.843   0.490  3.212   1.00 0.00 ? 18  LEU A C    1 
ATOM   283 O  O    . LEU A 1 18 ? -0.286  0.002  3.238   1.00 0.00 ? 18  LEU A O    1 
ATOM   284 C  CB   . LEU A 1 18 ? 2.291   0.472  1.146   1.00 0.00 ? 18  LEU A CB   1 
ATOM   285 C  CG   . LEU A 1 18 ? 1.655   -0.513 0.130   1.00 0.00 ? 18  LEU A CG   1 
ATOM   286 C  CD1  . LEU A 1 18 ? 2.654   -1.610 -0.255  1.00 0.00 ? 18  LEU A CD1  1 
ATOM   287 C  CD2  . LEU A 1 18 ? 0.406   -1.273 0.589   1.00 0.00 ? 18  LEU A CD2  1 
ATOM   288 H  H    . LEU A 1 18 ? 2.867   2.721  2.379   1.00 0.00 ? 18  LEU A H    1 
ATOM   289 H  HA   . LEU A 1 18 ? 0.416   1.506  1.373   1.00 0.00 ? 18  LEU A HA   1 
ATOM   290 H  HB2  . LEU A 1 18 ? 2.924   1.157  0.578   1.00 0.00 ? 18  LEU A HB2  1 
ATOM   291 H  HB3  . LEU A 1 18 ? 2.943   -0.079 1.825   1.00 0.00 ? 18  LEU A HB3  1 
ATOM   292 H  HG   . LEU A 1 18 ? 1.389   0.053  -0.763  1.00 0.00 ? 18  LEU A HG   1 
ATOM   293 H  HD11 . LEU A 1 18 ? 3.663   -1.218 -0.290  1.00 0.00 ? 18  LEU A HD11 1 
ATOM   294 H  HD12 . LEU A 1 18 ? 2.642   -2.421 0.473   1.00 0.00 ? 18  LEU A HD12 1 
ATOM   295 H  HD13 . LEU A 1 18 ? 2.396   -2.009 -1.237  1.00 0.00 ? 18  LEU A HD13 1 
ATOM   296 H  HD21 . LEU A 1 18 ? 0.608   -1.791 1.527   1.00 0.00 ? 18  LEU A HD21 1 
ATOM   297 H  HD22 . LEU A 1 18 ? -0.427  -0.586 0.721   1.00 0.00 ? 18  LEU A HD22 1 
ATOM   298 H  HD23 . LEU A 1 18 ? 0.135   -2.016 -0.158  1.00 0.00 ? 18  LEU A HD23 1 
ATOM   299 N  N    . ILE A 1 19 ? 1.637   0.505  4.288   1.00 0.00 ? 19  ILE A N    1 
ATOM   300 C  CA   . ILE A 1 19 ? 1.305   -0.182 5.544   1.00 0.00 ? 19  ILE A CA   1 
ATOM   301 C  C    . ILE A 1 19 ? 0.030   0.414  6.149   1.00 0.00 ? 19  ILE A C    1 
ATOM   302 O  O    . ILE A 1 19 ? -0.979  -0.282 6.203   1.00 0.00 ? 19  ILE A O    1 
ATOM   303 C  CB   . ILE A 1 19 ? 2.480   -0.147 6.551   1.00 0.00 ? 19  ILE A CB   1 
ATOM   304 C  CG1  . ILE A 1 19 ? 3.784   -0.732 5.964   1.00 0.00 ? 19  ILE A CG1  1 
ATOM   305 C  CG2  . ILE A 1 19 ? 2.121   -0.914 7.835   1.00 0.00 ? 19  ILE A CG2  1 
ATOM   306 C  CD1  . ILE A 1 19 ? 5.008   -0.387 6.820   1.00 0.00 ? 19  ILE A CD1  1 
ATOM   307 H  H    . ILE A 1 19 ? 2.523   0.996  4.218   1.00 0.00 ? 19  ILE A H    1 
ATOM   308 H  HA   . ILE A 1 19 ? 1.091   -1.225 5.313   1.00 0.00 ? 19  ILE A HA   1 
ATOM   309 H  HB   . ILE A 1 19 ? 2.662   0.895  6.818   1.00 0.00 ? 19  ILE A HB   1 
ATOM   310 H  HG12 . ILE A 1 19 ? 3.698   -1.816 5.867   1.00 0.00 ? 19  ILE A HG12 1 
ATOM   311 H  HG13 . ILE A 1 19 ? 3.959   -0.332 4.970   1.00 0.00 ? 19  ILE A HG13 1 
ATOM   312 H  HG21 . ILE A 1 19 ? 1.855   -1.944 7.588   1.00 0.00 ? 19  ILE A HG21 1 
ATOM   313 H  HG22 . ILE A 1 19 ? 2.960   -0.937 8.527   1.00 0.00 ? 19  ILE A HG22 1 
ATOM   314 H  HG23 . ILE A 1 19 ? 1.295   -0.428 8.352   1.00 0.00 ? 19  ILE A HG23 1 
ATOM   315 H  HD11 . ILE A 1 19 ? 4.999   0.672  7.085   1.00 0.00 ? 19  ILE A HD11 1 
ATOM   316 H  HD12 . ILE A 1 19 ? 5.026   -0.991 7.727   1.00 0.00 ? 19  ILE A HD12 1 
ATOM   317 H  HD13 . ILE A 1 19 ? 5.909   -0.608 6.261   1.00 0.00 ? 19  ILE A HD13 1 
ATOM   318 N  N    . ARG A 1 20 ? -0.052  1.747  6.262   1.00 0.00 ? 20  ARG A N    1 
ATOM   319 C  CA   . ARG A 1 20 ? -1.270  2.473  6.659   1.00 0.00 ? 20  ARG A CA   1 
ATOM   320 C  C    . ARG A 1 20 ? -2.405  2.328  5.648   1.00 0.00 ? 20  ARG A C    1 
ATOM   321 O  O    . ARG A 1 20 ? -3.542  2.454  6.063   1.00 0.00 ? 20  ARG A O    1 
ATOM   322 C  CB   . ARG A 1 20 ? -0.921  3.945  6.969   1.00 0.00 ? 20  ARG A CB   1 
ATOM   323 C  CG   . ARG A 1 20 ? -2.056  4.814  7.563   1.00 0.00 ? 20  ARG A CG   1 
ATOM   324 C  CD   . ARG A 1 20 ? -2.959  5.496  6.514   1.00 0.00 ? 20  ARG A CD   1 
ATOM   325 N  NE   . ARG A 1 20 ? -3.575  6.750  7.003   1.00 0.00 ? 20  ARG A NE   1 
ATOM   326 C  CZ   . ARG A 1 20 ? -4.722  7.267  6.580   1.00 0.00 ? 20  ARG A CZ   1 
ATOM   327 N  NH1  . ARG A 1 20 ? -5.712  6.539  6.135   1.00 0.00 ? 20  ARG A NH1  1 
ATOM   328 N  NH2  . ARG A 1 20 ? -4.883  8.559  6.578   1.00 0.00 ? 20  ARG A NH2  1 
ATOM   329 H  H    . ARG A 1 20 ? 0.793   2.284  6.081   1.00 0.00 ? 20  ARG A H    1 
ATOM   330 H  HA   . ARG A 1 20 ? -1.638  2.011  7.575   1.00 0.00 ? 20  ARG A HA   1 
ATOM   331 H  HB2  . ARG A 1 20 ? -0.108  3.937  7.699   1.00 0.00 ? 20  ARG A HB2  1 
ATOM   332 H  HB3  . ARG A 1 20 ? -0.534  4.423  6.069   1.00 0.00 ? 20  ARG A HB3  1 
ATOM   333 H  HG2  . ARG A 1 20 ? -2.665  4.213  8.241   1.00 0.00 ? 20  ARG A HG2  1 
ATOM   334 H  HG3  . ARG A 1 20 ? -1.581  5.596  8.157   1.00 0.00 ? 20  ARG A HG3  1 
ATOM   335 H  HD2  . ARG A 1 20 ? -2.347  5.751  5.647   1.00 0.00 ? 20  ARG A HD2  1 
ATOM   336 H  HD3  . ARG A 1 20 ? -3.730  4.801  6.186   1.00 0.00 ? 20  ARG A HD3  1 
ATOM   337 H  HE   . ARG A 1 20 ? -2.943  7.407  7.428   1.00 0.00 ? 20  ARG A HE   1 
ATOM   338 H  HH11 . ARG A 1 20 ? -5.652  5.538  6.175   1.00 0.00 ? 20  ARG A HH11 1 
ATOM   339 H  HH12 . ARG A 1 20 ? -6.572  6.977  5.854   1.00 0.00 ? 20  ARG A HH12 1 
ATOM   340 H  HH21 . ARG A 1 20 ? -4.126  9.173  6.833   1.00 0.00 ? 20  ARG A HH21 1 
ATOM   341 H  HH22 . ARG A 1 20 ? -5.713  8.969  6.185   1.00 0.00 ? 20  ARG A HH22 1 
ATOM   342 N  N    . HIS A 1 21 ? -2.168  2.016  4.375   1.00 0.00 ? 21  HIS A N    1 
ATOM   343 C  CA   . HIS A 1 21 ? -3.243  1.713  3.429   1.00 0.00 ? 21  HIS A CA   1 
ATOM   344 C  C    . HIS A 1 21 ? -3.827  0.304  3.625   1.00 0.00 ? 21  HIS A C    1 
ATOM   345 O  O    . HIS A 1 21 ? -5.043  0.167  3.655   1.00 0.00 ? 21  HIS A O    1 
ATOM   346 C  CB   . HIS A 1 21 ? -2.802  1.944  1.975   1.00 0.00 ? 21  HIS A CB   1 
ATOM   347 C  CG   . HIS A 1 21 ? -3.844  1.467  0.993   1.00 0.00 ? 21  HIS A CG   1 
ATOM   348 N  ND1  . HIS A 1 21 ? -5.126  1.944  0.882   1.00 0.00 ? 21  HIS A ND1  1 
ATOM   349 C  CD2  . HIS A 1 21 ? -3.744  0.393  0.154   1.00 0.00 ? 21  HIS A CD2  1 
ATOM   350 C  CE1  . HIS A 1 21 ? -5.805  1.157  0.043   1.00 0.00 ? 21  HIS A CE1  1 
ATOM   351 N  NE2  . HIS A 1 21 ? -5.008  0.169  -0.437  1.00 0.00 ? 21  HIS A NE2  1 
ATOM   352 H  H    . HIS A 1 21 ? -1.207  1.966  4.057   1.00 0.00 ? 21  HIS A H    1 
ATOM   353 H  HA   . HIS A 1 21 ? -4.064  2.404  3.621   1.00 0.00 ? 21  HIS A HA   1 
ATOM   354 H  HB2  . HIS A 1 21 ? -2.614  3.007  1.818   1.00 0.00 ? 21  HIS A HB2  1 
ATOM   355 H  HB3  . HIS A 1 21 ? -1.875  1.404  1.785   1.00 0.00 ? 21  HIS A HB3  1 
ATOM   356 H  HD1  . HIS A 1 21 ? -5.523  2.695  1.437   1.00 0.00 ? 21  HIS A HD1  1 
ATOM   357 H  HD2  . HIS A 1 21 ? -2.855  -0.214 0.043   1.00 0.00 ? 21  HIS A HD2  1 
ATOM   358 H  HE1  . HIS A 1 21 ? -6.862  1.286  -0.177  1.00 0.00 ? 21  HIS A HE1  1 
ATOM   359 N  N    . ALA A 1 22 ? -3.016  -0.757 3.689   1.00 0.00 ? 22  ALA A N    1 
ATOM   360 C  CA   . ALA A 1 22 ? -3.543  -2.110 3.897   1.00 0.00 ? 22  ALA A CA   1 
ATOM   361 C  C    . ALA A 1 22 ? -4.046  -2.326 5.334   1.00 0.00 ? 22  ALA A C    1 
ATOM   362 O  O    . ALA A 1 22 ? -5.261  -2.474 5.484   1.00 0.00 ? 22  ALA A O    1 
ATOM   363 C  CB   . ALA A 1 22 ? -2.514  -3.153 3.456   1.00 0.00 ? 22  ALA A CB   1 
ATOM   364 H  H    . ALA A 1 22 ? -2.009  -0.610 3.690   1.00 0.00 ? 22  ALA A H    1 
ATOM   365 H  HA   . ALA A 1 22 ? -4.416  -2.240 3.261   1.00 0.00 ? 22  ALA A HA   1 
ATOM   366 H  HB1  . ALA A 1 22 ? -1.578  -3.020 4.001   1.00 0.00 ? 22  ALA A HB1  1 
ATOM   367 H  HB2  . ALA A 1 22 ? -2.904  -4.153 3.654   1.00 0.00 ? 22  ALA A HB2  1 
ATOM   368 H  HB3  . ALA A 1 22 ? -2.328  -3.057 2.384   1.00 0.00 ? 22  ALA A HB3  1 
ATOM   369 N  N    . GLN A 1 23 ? -3.266  -1.863 6.316   1.00 0.00 ? 23  GLN A N    1 
ATOM   370 C  CA   . GLN A 1 23 ? -3.627  -1.791 7.740   1.00 0.00 ? 23  GLN A CA   1 
ATOM   371 C  C    . GLN A 1 23 ? -4.652  -0.692 8.061   1.00 0.00 ? 23  GLN A C    1 
ATOM   372 O  O    . GLN A 1 23 ? -5.008  -0.538 9.229   1.00 0.00 ? 23  GLN A O    1 
ATOM   373 C  CB   . GLN A 1 23 ? -2.391  -1.606 8.639   1.00 0.00 ? 23  GLN A CB   1 
ATOM   374 C  CG   . GLN A 1 23 ? -1.214  -2.567 8.384   1.00 0.00 ? 23  GLN A CG   1 
ATOM   375 C  CD   . GLN A 1 23 ? -0.900  -3.517 9.535   1.00 0.00 ? 23  GLN A CD   1 
ATOM   376 O  OE1  . GLN A 1 23 ? -1.318  -4.655 9.523   1.00 0.00 ? 23  GLN A OE1  1 
ATOM   377 N  NE2  . GLN A 1 23 ? -0.651  -3.001 10.720  1.00 0.00 ? 23  GLN A NE2  1 
ATOM   378 H  H    . GLN A 1 23 ? -2.319  -1.584 6.082   1.00 0.00 ? 23  GLN A H    1 
ATOM   379 H  HA   . GLN A 1 23 ? -4.083  -2.733 8.027   1.00 0.00 ? 23  GLN A HA   1 
ATOM   380 H  HB2  . GLN A 1 23 ? -2.032  -0.582 8.524   1.00 0.00 ? 23  GLN A HB2  1 
ATOM   381 H  HB3  . GLN A 1 23 ? -2.715  -1.706 9.676   1.00 0.00 ? 23  GLN A HB3  1 
ATOM   382 H  HG2  . GLN A 1 23 ? -1.383  -3.165 7.490   1.00 0.00 ? 23  GLN A HG2  1 
ATOM   383 H  HG3  . GLN A 1 23 ? -0.330  -1.968 8.205   1.00 0.00 ? 23  GLN A HG3  1 
ATOM   384 H  HE21 . GLN A 1 23 ? -0.554  -2.017 10.861  1.00 0.00 ? 23  GLN A HE21 1 
ATOM   385 H  HE22 . GLN A 1 23 ? -0.685  -3.662 11.479  1.00 0.00 ? 23  GLN A HE22 1 
ATOM   386 N  N    . LYS A 1 24 ? -5.153  0.066  7.067   1.00 0.00 ? 24  LYS A N    1 
ATOM   387 C  CA   . LYS A 1 24 ? -6.401  0.830  7.228   1.00 0.00 ? 24  LYS A CA   1 
ATOM   388 C  C    . LYS A 1 24 ? -7.581  0.517  6.302   1.00 0.00 ? 24  LYS A C    1 
ATOM   389 O  O    . LYS A 1 24 ? -8.578  1.226  6.378   1.00 0.00 ? 24  LYS A O    1 
ATOM   390 C  CB   . LYS A 1 24 ? -6.243  2.351  7.444   1.00 0.00 ? 24  LYS A CB   1 
ATOM   391 C  CG   . LYS A 1 24 ? -5.557  2.739  8.761   1.00 0.00 ? 24  LYS A CG   1 
ATOM   392 C  CD   . LYS A 1 24 ? -5.890  4.196  9.132   1.00 0.00 ? 24  LYS A CD   1 
ATOM   393 C  CE   . LYS A 1 24 ? -5.888  4.436  10.646  1.00 0.00 ? 24  LYS A CE   1 
ATOM   394 N  NZ   . LYS A 1 24 ? -4.548  4.252  11.258  1.00 0.00 ? 24  LYS A NZ   1 
ATOM   395 H  H    . LYS A 1 24 ? -4.795  -0.085 6.135   1.00 0.00 ? 24  LYS A H    1 
ATOM   396 H  HA   . LYS A 1 24 ? -6.759  0.450  8.165   1.00 0.00 ? 24  LYS A HA   1 
ATOM   397 H  HB2  . LYS A 1 24 ? -5.782  2.826  6.583   1.00 0.00 ? 24  LYS A HB2  1 
ATOM   398 H  HB3  . LYS A 1 24 ? -7.241  2.778  7.499   1.00 0.00 ? 24  LYS A HB3  1 
ATOM   399 H  HG2  . LYS A 1 24 ? -5.937  2.086  9.547   1.00 0.00 ? 24  LYS A HG2  1 
ATOM   400 H  HG3  . LYS A 1 24 ? -4.479  2.601  8.680   1.00 0.00 ? 24  LYS A HG3  1 
ATOM   401 H  HD2  . LYS A 1 24 ? -5.199  4.873  8.632   1.00 0.00 ? 24  LYS A HD2  1 
ATOM   402 H  HD3  . LYS A 1 24 ? -6.899  4.441  8.791   1.00 0.00 ? 24  LYS A HD3  1 
ATOM   403 H  HE2  . LYS A 1 24 ? -6.256  5.449  10.835  1.00 0.00 ? 24  LYS A HE2  1 
ATOM   404 H  HE3  . LYS A 1 24 ? -6.606  3.741  11.098  1.00 0.00 ? 24  LYS A HE3  1 
ATOM   405 H  HZ1  . LYS A 1 24 ? -3.867  4.858  10.825  1.00 0.00 ? 24  LYS A HZ1  1 
ATOM   406 H  HZ2  . LYS A 1 24 ? -4.586  4.472  12.247  1.00 0.00 ? 24  LYS A HZ2  1 
ATOM   407 H  HZ3  . LYS A 1 24 ? -4.250  3.288  11.164  1.00 0.00 ? 24  LYS A HZ3  1 
ATOM   408 N  N    . ILE A 1 25 ? -7.482  -0.444 5.390   1.00 0.00 ? 25  ILE A N    1 
ATOM   409 C  CA   . ILE A 1 25 ? -8.588  -0.710 4.447   1.00 0.00 ? 25  ILE A CA   1 
ATOM   410 C  C    . ILE A 1 25 ? -8.831  -2.197 4.217   1.00 0.00 ? 25  ILE A C    1 
ATOM   411 O  O    . ILE A 1 25 ? -9.956  -2.598 3.931   1.00 0.00 ? 25  ILE A O    1 
ATOM   412 C  CB   . ILE A 1 25 ? -8.370  0.094  3.133   1.00 0.00 ? 25  ILE A CB   1 
ATOM   413 C  CG1  . ILE A 1 25 ? -8.746  1.589  3.315   1.00 0.00 ? 25  ILE A CG1  1 
ATOM   414 C  CG2  . ILE A 1 25 ? -9.186  -0.481 1.968   1.00 0.00 ? 25  ILE A CG2  1 
ATOM   415 C  CD1  . ILE A 1 25 ? -7.540  2.498  3.592   1.00 0.00 ? 25  ILE A CD1  1 
ATOM   416 H  H    . ILE A 1 25 ? -6.661  -1.031 5.387   1.00 0.00 ? 25  ILE A H    1 
ATOM   417 H  HA   . ILE A 1 25 ? -9.528  -0.373 4.891   1.00 0.00 ? 25  ILE A HA   1 
ATOM   418 H  HB   . ILE A 1 25 ? -7.332  0.016  2.823   1.00 0.00 ? 25  ILE A HB   1 
ATOM   419 H  HG12 . ILE A 1 25 ? -9.226  1.975  2.416   1.00 0.00 ? 25  ILE A HG12 1 
ATOM   420 H  HG13 . ILE A 1 25 ? -9.480  1.697  4.112   1.00 0.00 ? 25  ILE A HG13 1 
ATOM   421 H  HG21 . ILE A 1 25 ? -10.189 -0.673 2.329   1.00 0.00 ? 25  ILE A HG21 1 
ATOM   422 H  HG22 . ILE A 1 25 ? -9.231  0.199  1.122   1.00 0.00 ? 25  ILE A HG22 1 
ATOM   423 H  HG23 . ILE A 1 25 ? -8.777  -1.436 1.644   1.00 0.00 ? 25  ILE A HG23 1 
ATOM   424 H  HD11 . ILE A 1 25 ? -6.920  2.109  4.395   1.00 0.00 ? 25  ILE A HD11 1 
ATOM   425 H  HD12 . ILE A 1 25 ? -6.930  2.575  2.697   1.00 0.00 ? 25  ILE A HD12 1 
ATOM   426 H  HD13 . ILE A 1 25 ? -7.890  3.491  3.870   1.00 0.00 ? 25  ILE A HD13 1 
ATOM   427 N  N    . HIS A 1 26 ? -7.749  -2.951 4.057   1.00 0.00 ? 26  HIS A N    1 
ATOM   428 C  CA   . HIS A 1 26 ? -7.826  -4.308 3.541   1.00 0.00 ? 26  HIS A CA   1 
ATOM   429 C  C    . HIS A 1 26 ? -7.806  -5.359 4.640   1.00 0.00 ? 26  HIS A C    1 
ATOM   430 O  O    . HIS A 1 26 ? -8.862  -5.846 5.016   1.00 0.00 ? 26  HIS A O    1 
ATOM   431 C  CB   . HIS A 1 26 ? -6.717  -4.497 2.534   1.00 0.00 ? 26  HIS A CB   1 
ATOM   432 C  CG   . HIS A 1 26 ? -6.938  -3.675 1.286   1.00 0.00 ? 26  HIS A CG   1 
ATOM   433 N  ND1  . HIS A 1 26 ? -7.883  -3.930 0.329   1.00 0.00 ? 26  HIS A ND1  1 
ATOM   434 C  CD2  . HIS A 1 26 ? -6.220  -2.590 0.865   1.00 0.00 ? 26  HIS A CD2  1 
ATOM   435 C  CE1  . HIS A 1 26 ? -7.768  -3.016 -0.641  1.00 0.00 ? 26  HIS A CE1  1 
ATOM   436 N  NE2  . HIS A 1 26 ? -6.712  -2.193 -0.402  1.00 0.00 ? 26  HIS A NE2  1 
ATOM   437 H  H    . HIS A 1 26 ? -6.851  -2.585 4.340   1.00 0.00 ? 26  HIS A H    1 
ATOM   438 H  HA   . HIS A 1 26 ? -8.768  -4.453 3.009   1.00 0.00 ? 26  HIS A HA   1 
ATOM   439 H  HB2  . HIS A 1 26 ? -5.745  -4.265 2.978   1.00 0.00 ? 26  HIS A HB2  1 
ATOM   440 H  HB3  . HIS A 1 26 ? -6.755  -5.553 2.290   1.00 0.00 ? 26  HIS A HB3  1 
ATOM   441 H  HD1  . HIS A 1 26 ? -8.534  -4.712 0.330   1.00 0.00 ? 26  HIS A HD1  1 
ATOM   442 H  HD2  . HIS A 1 26 ? -5.397  -2.144 1.403   1.00 0.00 ? 26  HIS A HD2  1 
ATOM   443 H  HE1  . HIS A 1 26 ? -8.405  -3.004 -1.520  1.00 0.00 ? 26  HIS A HE1  1 
ATOM   444 N  N    . SER A 1 27 ? -6.689  -5.414 5.363   1.00 0.00 ? 27  SER A N    1 
ATOM   445 C  CA   . SER A 1 27 ? -6.648  -5.977 6.704   1.00 0.00 ? 27  SER A CA   1 
ATOM   446 C  C    . SER A 1 27 ? -5.877  -5.018 7.597   1.00 0.00 ? 27  SER A C    1 
ATOM   447 O  O    . SER A 1 27 ? -4.662  -4.912 7.450   1.00 0.00 ? 27  SER A O    1 
ATOM   448 C  CB   . SER A 1 27 ? -6.067  -7.399 6.695   1.00 0.00 ? 27  SER A CB   1 
ATOM   449 O  OG   . SER A 1 27 ? -6.855  -8.217 7.533   1.00 0.00 ? 27  SER A OG   1 
ATOM   450 H  H    . SER A 1 27 ? -5.876  -4.899 5.060   1.00 0.00 ? 27  SER A H    1 
ATOM   451 H  HA   . SER A 1 27 ? -7.665  -6.040 7.098   1.00 0.00 ? 27  SER A HA   1 
ATOM   452 H  HB2  . SER A 1 27 ? -6.116  -7.806 5.683   1.00 0.00 ? 27  SER A HB2  1 
ATOM   453 H  HB3  . SER A 1 27 ? -5.027  -7.409 7.027   1.00 0.00 ? 27  SER A HB3  1 
ATOM   454 H  HG   . SER A 1 27 ? -6.560  -8.159 8.445   1.00 0.00 ? 27  SER A HG   1 
HETATM 455 ZN ZN   . ZN  B 2 .  ? -5.518  -1.302 -1.511  1.00 0.00 ? 162 ZN  A ZN   1 
# 
